data_2W08
#
_entry.id   2W08
#
_cell.length_a   94.769
_cell.length_b   69.435
_cell.length_c   102.063
_cell.angle_alpha   90.00
_cell.angle_beta   97.05
_cell.angle_gamma   90.00
#
_symmetry.space_group_name_H-M   'P 1 21 1'
#
loop_
_entity.id
_entity.type
_entity.pdbx_description
1 polymer 'SERUM AMYLOID P-COMPONENT'
2 non-polymer 'CALCIUM ION'
3 non-polymer 2-acetamido-2-deoxy-beta-D-glucopyranose
4 non-polymer PHOSPHOTHREONINE
5 water water
#
_entity_poly.entity_id   1
_entity_poly.type   'polypeptide(L)'
_entity_poly.pdbx_seq_one_letter_code
;HTDLSGKVFVFPRESVTDHVNLITPLEKPLQNFTLCFRAYSDLSRAYSLFSYNTQGRDNELLVYKERVGEYSLYIGRHKV
TSKVIEKFPAPVHICVSWESSSGIAEFWINGTPLVKKGLRQGYFVEAQPKIVLGQEQDSYGGKFDRSQSFVGEIGDLYMW
DSVLPPENILSAYQGTPLPANILDWQALNYEIRGYVIIKPLVWV
;
_entity_poly.pdbx_strand_id   A,B,C,D,E
#
# COMPACT_ATOMS: atom_id res chain seq x y z
N HIS A 1 -39.24 -16.19 15.77
CA HIS A 1 -40.62 -15.72 15.76
C HIS A 1 -40.71 -14.36 15.08
N THR A 2 -39.55 -13.77 14.79
CA THR A 2 -39.50 -12.58 13.95
C THR A 2 -38.54 -12.84 12.78
N ASP A 3 -38.97 -12.51 11.57
CA ASP A 3 -38.10 -12.60 10.40
C ASP A 3 -37.34 -11.28 10.27
N LEU A 4 -36.05 -11.30 10.62
CA LEU A 4 -35.25 -10.08 10.55
C LEU A 4 -34.51 -9.92 9.24
N SER A 5 -34.92 -10.64 8.19
CA SER A 5 -34.29 -10.49 6.88
C SER A 5 -34.17 -9.02 6.51
N GLY A 6 -32.97 -8.61 6.11
CA GLY A 6 -32.77 -7.27 5.63
C GLY A 6 -32.65 -6.23 6.72
N LYS A 7 -32.59 -6.68 7.96
CA LYS A 7 -32.48 -5.78 9.12
C LYS A 7 -31.27 -6.13 9.98
N VAL A 8 -30.85 -5.18 10.80
CA VAL A 8 -29.75 -5.39 11.74
C VAL A 8 -30.16 -4.91 13.13
N PHE A 9 -29.49 -5.43 14.16
CA PHE A 9 -29.51 -4.78 15.46
C PHE A 9 -28.45 -3.70 15.46
N VAL A 10 -28.83 -2.49 15.88
CA VAL A 10 -27.85 -1.42 16.03
C VAL A 10 -27.65 -1.18 17.51
N PHE A 11 -26.40 -1.35 17.96
CA PHE A 11 -25.99 -1.01 19.32
C PHE A 11 -25.32 0.34 19.18
N PRO A 12 -26.07 1.43 19.43
CA PRO A 12 -25.61 2.72 18.91
C PRO A 12 -24.62 3.44 19.80
N ARG A 13 -24.30 2.87 20.96
CA ARG A 13 -23.42 3.54 21.91
C ARG A 13 -22.68 2.55 22.78
N GLU A 14 -21.58 3.02 23.35
CA GLU A 14 -20.90 2.24 24.39
C GLU A 14 -21.68 2.29 25.69
N SER A 15 -21.83 1.15 26.34
CA SER A 15 -22.61 1.05 27.56
C SER A 15 -22.31 -0.24 28.27
N VAL A 16 -22.85 -0.40 29.47
CA VAL A 16 -22.84 -1.68 30.17
C VAL A 16 -24.27 -2.21 30.24
N THR A 17 -25.20 -1.53 29.58
CA THR A 17 -26.62 -1.84 29.70
C THR A 17 -27.25 -2.45 28.44
N ASP A 18 -26.80 -1.98 27.28
CA ASP A 18 -27.48 -2.28 26.03
C ASP A 18 -27.12 -3.68 25.55
N HIS A 19 -28.13 -4.52 25.34
CA HIS A 19 -27.87 -5.89 24.89
C HIS A 19 -29.10 -6.55 24.32
N VAL A 20 -28.89 -7.65 23.60
CA VAL A 20 -29.98 -8.46 23.11
C VAL A 20 -29.81 -9.89 23.63
N ASN A 21 -30.86 -10.44 24.25
CA ASN A 21 -30.84 -11.84 24.63
C ASN A 21 -31.43 -12.66 23.49
N LEU A 22 -30.72 -13.71 23.08
CA LEU A 22 -31.22 -14.58 22.03
C LEU A 22 -31.73 -15.85 22.66
N ILE A 23 -32.94 -16.27 22.27
CA ILE A 23 -33.62 -17.39 22.89
C ILE A 23 -33.64 -18.60 21.99
N THR A 24 -33.11 -19.72 22.47
CA THR A 24 -33.12 -20.94 21.69
C THR A 24 -33.64 -22.12 22.51
N PRO A 25 -34.33 -23.07 21.84
CA PRO A 25 -34.78 -24.33 22.44
C PRO A 25 -33.63 -25.33 22.48
N LEU A 26 -32.72 -25.19 23.43
CA LEU A 26 -31.55 -26.07 23.48
C LEU A 26 -31.33 -26.65 24.87
N GLU A 27 -31.70 -27.91 25.04
CA GLU A 27 -31.54 -28.58 26.32
C GLU A 27 -30.43 -29.62 26.26
N LYS A 28 -30.00 -29.96 25.05
CA LYS A 28 -28.95 -30.95 24.87
C LYS A 28 -27.59 -30.29 24.69
N PRO A 29 -26.56 -30.84 25.36
CA PRO A 29 -25.20 -30.35 25.16
C PRO A 29 -24.79 -30.41 23.69
N LEU A 30 -24.00 -29.43 23.24
N LEU A 30 -23.97 -29.44 23.26
CA LEU A 30 -23.57 -29.36 21.84
CA LEU A 30 -23.54 -29.34 21.87
C LEU A 30 -22.24 -30.05 21.59
C LEU A 30 -22.22 -30.07 21.62
N GLN A 31 -22.21 -30.95 20.62
CA GLN A 31 -20.99 -31.61 20.21
C GLN A 31 -20.39 -30.94 18.97
N ASN A 32 -21.27 -30.42 18.11
CA ASN A 32 -20.90 -29.74 16.86
C ASN A 32 -21.71 -28.44 16.72
N PHE A 33 -21.10 -27.39 16.20
CA PHE A 33 -21.91 -26.24 15.81
C PHE A 33 -21.20 -25.39 14.77
N THR A 34 -21.99 -24.57 14.09
CA THR A 34 -21.46 -23.51 13.24
C THR A 34 -22.26 -22.26 13.55
N LEU A 35 -21.58 -21.14 13.64
CA LEU A 35 -22.23 -19.86 13.91
C LEU A 35 -21.76 -18.87 12.85
N CYS A 36 -22.71 -18.26 12.13
CA CYS A 36 -22.37 -17.22 11.15
C CYS A 36 -23.12 -15.94 11.48
N PHE A 37 -22.52 -14.78 11.19
CA PHE A 37 -23.21 -13.51 11.34
C PHE A 37 -22.39 -12.43 10.63
N ARG A 38 -23.01 -11.27 10.43
CA ARG A 38 -22.36 -10.17 9.76
C ARG A 38 -22.25 -9.06 10.79
N ALA A 39 -21.14 -8.33 10.81
CA ALA A 39 -20.96 -7.27 11.79
C ALA A 39 -20.24 -6.07 11.17
N TYR A 40 -20.54 -4.89 11.71
CA TYR A 40 -19.93 -3.67 11.22
C TYR A 40 -19.69 -2.77 12.44
N SER A 41 -18.42 -2.57 12.78
CA SER A 41 -18.07 -1.81 13.97
C SER A 41 -16.82 -1.01 13.67
N ASP A 42 -16.71 0.20 14.23
CA ASP A 42 -15.45 0.92 14.11
C ASP A 42 -14.71 1.03 15.43
N LEU A 43 -15.02 0.12 16.35
CA LEU A 43 -14.20 -0.02 17.56
C LEU A 43 -12.81 -0.57 17.25
N SER A 44 -11.81 0.01 17.90
CA SER A 44 -10.44 -0.49 17.84
C SER A 44 -10.10 -1.36 19.04
N ARG A 45 -10.73 -1.09 20.16
CA ARG A 45 -10.51 -1.86 21.37
C ARG A 45 -11.14 -3.24 21.22
N ALA A 46 -10.85 -4.11 22.16
CA ALA A 46 -11.44 -5.45 22.19
C ALA A 46 -12.95 -5.41 22.42
N TYR A 47 -13.65 -6.38 21.87
CA TYR A 47 -15.08 -6.52 22.11
C TYR A 47 -15.61 -7.92 21.86
N SER A 48 -16.73 -8.24 22.52
CA SER A 48 -17.41 -9.51 22.34
C SER A 48 -18.40 -9.44 21.19
N LEU A 49 -18.38 -10.46 20.32
CA LEU A 49 -19.35 -10.56 19.23
C LEU A 49 -20.52 -11.45 19.59
N PHE A 50 -20.26 -12.52 20.34
CA PHE A 50 -21.30 -13.50 20.64
C PHE A 50 -20.90 -14.20 21.93
N SER A 51 -21.71 -14.01 22.97
CA SER A 51 -21.41 -14.49 24.33
C SER A 51 -22.44 -15.52 24.80
N TYR A 52 -21.98 -16.75 25.05
CA TYR A 52 -22.85 -17.85 25.43
C TYR A 52 -22.29 -18.43 26.74
N ASN A 53 -23.02 -18.20 27.84
CA ASN A 53 -22.60 -18.67 29.16
C ASN A 53 -23.64 -19.65 29.69
N THR A 54 -23.21 -20.56 30.55
CA THR A 54 -24.14 -21.47 31.23
C THR A 54 -23.95 -21.34 32.74
N GLN A 55 -24.84 -21.95 33.53
CA GLN A 55 -24.77 -21.78 34.98
C GLN A 55 -23.41 -22.18 35.54
N GLY A 56 -22.74 -21.21 36.16
CA GLY A 56 -21.46 -21.46 36.79
C GLY A 56 -20.31 -21.61 35.81
N ARG A 57 -20.56 -21.27 34.55
CA ARG A 57 -19.54 -21.44 33.51
C ARG A 57 -19.41 -20.20 32.63
N ASP A 58 -18.31 -19.49 32.79
CA ASP A 58 -18.04 -18.30 32.00
C ASP A 58 -17.38 -18.72 30.69
N ASN A 59 -17.62 -17.95 29.63
CA ASN A 59 -16.95 -18.19 28.35
C ASN A 59 -17.14 -19.62 27.87
N GLU A 60 -18.36 -20.13 27.97
CA GLU A 60 -18.65 -21.49 27.56
C GLU A 60 -18.59 -21.60 26.03
N LEU A 61 -19.14 -20.62 25.35
CA LEU A 61 -18.93 -20.47 23.90
C LEU A 61 -18.86 -18.98 23.64
N LEU A 62 -17.69 -18.47 23.27
CA LEU A 62 -17.53 -17.02 23.13
C LEU A 62 -16.76 -16.71 21.85
N VAL A 63 -17.30 -15.81 21.04
CA VAL A 63 -16.57 -15.30 19.90
C VAL A 63 -16.17 -13.87 20.24
N TYR A 64 -14.86 -13.61 20.25
CA TYR A 64 -14.33 -12.38 20.84
C TYR A 64 -13.28 -11.80 19.90
N LYS A 65 -13.24 -10.47 19.80
CA LYS A 65 -12.31 -9.83 18.88
C LYS A 65 -11.34 -8.99 19.70
N GLU A 66 -10.11 -9.49 19.90
CA GLU A 66 -9.16 -8.77 20.75
C GLU A 66 -8.62 -7.51 20.10
N ARG A 67 -8.42 -7.56 18.78
CA ARG A 67 -7.87 -6.44 18.04
C ARG A 67 -8.07 -6.71 16.58
N VAL A 68 -7.84 -5.69 15.75
CA VAL A 68 -8.02 -5.86 14.31
C VAL A 68 -7.19 -7.04 13.81
N GLY A 69 -7.80 -7.85 12.95
CA GLY A 69 -7.10 -8.94 12.28
C GLY A 69 -7.01 -10.23 13.07
N GLU A 70 -7.66 -10.29 14.23
CA GLU A 70 -7.55 -11.46 15.11
C GLU A 70 -8.90 -11.86 15.70
N TYR A 71 -9.30 -13.10 15.46
CA TYR A 71 -10.57 -13.60 15.95
C TYR A 71 -10.35 -14.74 16.92
N SER A 72 -11.04 -14.71 18.05
CA SER A 72 -10.89 -15.77 19.05
C SER A 72 -12.19 -16.52 19.27
N LEU A 73 -12.05 -17.83 19.47
CA LEU A 73 -13.17 -18.65 19.90
C LEU A 73 -12.81 -19.26 21.24
N TYR A 74 -13.73 -19.17 22.20
CA TYR A 74 -13.58 -19.85 23.49
C TYR A 74 -14.57 -21.00 23.50
N ILE A 75 -14.10 -22.16 23.96
CA ILE A 75 -14.99 -23.28 24.23
C ILE A 75 -14.69 -23.73 25.65
N GLY A 76 -15.67 -23.64 26.53
CA GLY A 76 -15.44 -24.05 27.92
C GLY A 76 -14.23 -23.39 28.55
N ARG A 77 -14.09 -22.09 28.33
CA ARG A 77 -13.04 -21.26 28.94
C ARG A 77 -11.70 -21.34 28.25
N HIS A 78 -11.49 -22.37 27.43
CA HIS A 78 -10.28 -22.52 26.63
C HIS A 78 -10.42 -21.64 25.37
N LYS A 79 -9.32 -21.17 24.81
CA LYS A 79 -9.41 -20.27 23.67
C LYS A 79 -8.43 -20.63 22.55
N VAL A 80 -8.85 -20.37 21.31
CA VAL A 80 -7.92 -20.34 20.19
C VAL A 80 -8.11 -19.03 19.44
N THR A 81 -7.08 -18.61 18.72
CA THR A 81 -7.15 -17.34 17.98
C THR A 81 -6.50 -17.55 16.63
N SER A 82 -7.14 -17.04 15.58
CA SER A 82 -6.56 -17.10 14.25
C SER A 82 -6.58 -15.73 13.61
N LYS A 83 -5.62 -15.51 12.72
CA LYS A 83 -5.36 -14.17 12.18
C LYS A 83 -5.80 -14.04 10.74
N VAL A 84 -6.07 -12.80 10.32
CA VAL A 84 -6.51 -12.55 8.97
C VAL A 84 -6.14 -11.15 8.54
N ILE A 85 -5.94 -10.97 7.24
CA ILE A 85 -5.77 -9.65 6.68
C ILE A 85 -7.14 -9.03 6.45
N GLU A 86 -7.40 -7.89 7.07
CA GLU A 86 -8.70 -7.22 6.89
C GLU A 86 -8.53 -5.71 6.93
N LYS A 87 -9.45 -5.00 6.29
CA LYS A 87 -9.44 -3.54 6.31
C LYS A 87 -10.10 -3.09 7.60
N PHE A 88 -9.81 -1.86 8.01
CA PHE A 88 -10.48 -1.28 9.16
C PHE A 88 -10.76 0.21 8.96
N PRO A 89 -12.01 0.64 9.22
CA PRO A 89 -13.18 -0.19 9.55
C PRO A 89 -13.77 -0.81 8.29
N ALA A 90 -14.48 -1.92 8.45
CA ALA A 90 -15.10 -2.57 7.31
C ALA A 90 -16.12 -3.58 7.79
N PRO A 91 -17.23 -3.68 7.06
CA PRO A 91 -18.18 -4.76 7.34
C PRO A 91 -17.47 -6.09 7.20
N VAL A 92 -17.90 -7.07 8.00
CA VAL A 92 -17.28 -8.38 7.94
C VAL A 92 -18.36 -9.45 8.06
N HIS A 93 -18.13 -10.56 7.37
CA HIS A 93 -18.95 -11.75 7.57
C HIS A 93 -18.10 -12.78 8.25
N ILE A 94 -18.59 -13.32 9.36
CA ILE A 94 -17.82 -14.22 10.18
C ILE A 94 -18.58 -15.52 10.35
N CYS A 95 -17.91 -16.63 10.06
CA CYS A 95 -18.45 -17.94 10.43
C CYS A 95 -17.41 -18.63 11.29
N VAL A 96 -17.87 -19.37 12.29
CA VAL A 96 -16.95 -20.22 13.04
C VAL A 96 -17.64 -21.53 13.35
N SER A 97 -16.95 -22.65 13.09
CA SER A 97 -17.48 -23.96 13.45
C SER A 97 -16.54 -24.65 14.45
N TRP A 98 -17.09 -25.57 15.22
CA TRP A 98 -16.27 -26.34 16.14
C TRP A 98 -16.82 -27.76 16.21
N GLU A 99 -15.94 -28.73 16.27
CA GLU A 99 -16.31 -30.14 16.23
C GLU A 99 -15.66 -30.83 17.43
N SER A 100 -16.47 -31.31 18.37
CA SER A 100 -15.90 -31.96 19.56
C SER A 100 -14.97 -33.13 19.25
N SER A 101 -15.33 -33.95 18.27
CA SER A 101 -14.62 -35.19 18.02
C SER A 101 -13.16 -34.96 17.67
N SER A 102 -12.90 -33.87 16.97
CA SER A 102 -11.54 -33.51 16.57
C SER A 102 -10.99 -32.33 17.36
N GLY A 103 -11.88 -31.56 17.99
CA GLY A 103 -11.52 -30.29 18.62
C GLY A 103 -11.29 -29.16 17.64
N ILE A 104 -11.46 -29.42 16.36
CA ILE A 104 -11.11 -28.42 15.33
C ILE A 104 -12.09 -27.25 15.28
N ALA A 105 -11.54 -26.04 15.32
CA ALA A 105 -12.30 -24.79 15.17
C ALA A 105 -11.90 -24.20 13.83
N GLU A 106 -12.89 -23.82 13.02
N GLU A 106 -12.92 -23.91 13.01
CA GLU A 106 -12.62 -23.34 11.67
CA GLU A 106 -12.73 -23.29 11.70
C GLU A 106 -13.30 -21.98 11.42
C GLU A 106 -13.33 -21.90 11.72
N PHE A 107 -12.51 -20.89 11.44
CA PHE A 107 -13.02 -19.54 11.21
C PHE A 107 -13.03 -19.26 9.71
N TRP A 108 -14.10 -18.63 9.23
CA TRP A 108 -14.17 -18.10 7.86
C TRP A 108 -14.49 -16.62 7.93
N ILE A 109 -13.72 -15.80 7.24
CA ILE A 109 -13.89 -14.35 7.29
C ILE A 109 -14.12 -13.86 5.86
N ASN A 110 -15.29 -13.28 5.62
CA ASN A 110 -15.66 -12.89 4.26
C ASN A 110 -15.46 -14.03 3.26
N GLY A 111 -15.86 -15.23 3.67
CA GLY A 111 -15.81 -16.38 2.80
C GLY A 111 -14.42 -16.97 2.61
N THR A 112 -13.46 -16.50 3.39
N THR A 112 -13.44 -16.51 3.37
CA THR A 112 -12.08 -16.98 3.32
CA THR A 112 -12.10 -17.05 3.25
C THR A 112 -11.72 -17.77 4.57
C THR A 112 -11.69 -17.77 4.53
N PRO A 113 -11.17 -18.99 4.40
CA PRO A 113 -10.86 -19.77 5.60
C PRO A 113 -9.58 -19.31 6.28
N LEU A 114 -9.63 -19.20 7.60
CA LEU A 114 -8.45 -18.93 8.41
C LEU A 114 -7.76 -20.26 8.74
N VAL A 115 -6.58 -20.20 9.34
CA VAL A 115 -5.89 -21.43 9.73
C VAL A 115 -6.72 -22.14 10.81
N LYS A 116 -6.94 -23.44 10.63
CA LYS A 116 -7.66 -24.20 11.65
C LYS A 116 -6.85 -24.29 12.93
N LYS A 117 -7.54 -24.29 14.06
CA LYS A 117 -6.90 -24.49 15.37
C LYS A 117 -7.73 -25.54 16.09
N GLY A 118 -7.23 -26.03 17.22
CA GLY A 118 -7.95 -27.09 17.92
C GLY A 118 -7.96 -26.88 19.42
N LEU A 119 -9.09 -27.19 20.04
CA LEU A 119 -9.25 -27.08 21.50
C LEU A 119 -10.38 -27.98 21.97
N ARG A 120 -10.32 -28.37 23.23
CA ARG A 120 -11.40 -29.10 23.91
C ARG A 120 -11.91 -30.35 23.16
N GLN A 121 -11.00 -31.10 22.56
CA GLN A 121 -11.38 -32.33 21.89
C GLN A 121 -12.09 -33.24 22.88
N GLY A 122 -13.28 -33.70 22.50
CA GLY A 122 -14.06 -34.60 23.33
C GLY A 122 -15.03 -33.91 24.29
N TYR A 123 -14.96 -32.59 24.37
CA TYR A 123 -15.80 -31.80 25.27
C TYR A 123 -17.20 -31.62 24.72
N PHE A 124 -18.18 -31.46 25.60
CA PHE A 124 -19.54 -31.11 25.20
C PHE A 124 -19.87 -29.70 25.70
N VAL A 125 -20.23 -28.81 24.79
CA VAL A 125 -20.63 -27.46 25.21
C VAL A 125 -21.93 -27.56 26.01
N GLU A 126 -21.93 -26.99 27.21
CA GLU A 126 -23.07 -27.16 28.11
C GLU A 126 -24.34 -26.53 27.56
N ALA A 127 -25.48 -27.08 27.96
CA ALA A 127 -26.78 -26.60 27.50
C ALA A 127 -27.37 -25.57 28.45
N GLN A 128 -28.62 -25.20 28.19
CA GLN A 128 -29.31 -24.16 28.96
C GLN A 128 -28.53 -22.86 29.00
N PRO A 129 -28.14 -22.35 27.82
CA PRO A 129 -27.34 -21.12 27.85
C PRO A 129 -28.17 -19.85 27.99
N LYS A 130 -27.50 -18.79 28.42
CA LYS A 130 -27.94 -17.43 28.18
C LYS A 130 -27.05 -16.92 27.04
N ILE A 131 -27.67 -16.43 25.96
CA ILE A 131 -26.92 -15.98 24.80
C ILE A 131 -27.13 -14.49 24.60
N VAL A 132 -26.03 -13.73 24.54
CA VAL A 132 -26.13 -12.28 24.57
C VAL A 132 -25.34 -11.66 23.44
N LEU A 133 -25.96 -10.71 22.74
CA LEU A 133 -25.27 -9.83 21.79
C LEU A 133 -25.14 -8.47 22.43
N GLY A 134 -24.03 -7.79 22.16
CA GLY A 134 -23.89 -6.42 22.66
C GLY A 134 -23.01 -6.29 23.88
N GLN A 135 -22.93 -7.35 24.68
CA GLN A 135 -22.11 -7.36 25.89
C GLN A 135 -21.46 -8.71 26.08
N GLU A 136 -20.37 -8.73 26.86
CA GLU A 136 -19.69 -9.96 27.20
C GLU A 136 -20.16 -10.36 28.60
N GLN A 137 -20.69 -11.56 28.75
CA GLN A 137 -21.15 -12.02 30.06
C GLN A 137 -20.00 -12.50 30.93
N ASP A 138 -20.00 -12.11 32.21
CA ASP A 138 -19.09 -12.72 33.18
C ASP A 138 -19.87 -13.53 34.21
N SER A 139 -21.18 -13.45 34.13
CA SER A 139 -22.05 -14.30 34.94
C SER A 139 -23.10 -14.94 34.04
N TYR A 140 -24.04 -15.66 34.64
CA TYR A 140 -25.11 -16.28 33.87
C TYR A 140 -26.17 -15.25 33.50
N GLY A 141 -25.94 -14.51 32.42
CA GLY A 141 -26.87 -13.51 31.94
C GLY A 141 -26.44 -12.07 32.19
N GLY A 142 -25.37 -11.87 32.96
CA GLY A 142 -24.96 -10.52 33.33
C GLY A 142 -23.47 -10.31 33.59
N LYS A 143 -23.19 -9.45 34.56
CA LYS A 143 -21.84 -8.96 34.84
C LYS A 143 -21.10 -8.48 33.60
N PHE A 144 -21.74 -7.55 32.90
CA PHE A 144 -21.18 -6.97 31.68
C PHE A 144 -20.02 -6.03 31.99
N ASP A 145 -19.27 -5.68 30.95
CA ASP A 145 -18.08 -4.85 31.07
C ASP A 145 -18.08 -3.87 29.91
N ARG A 146 -18.20 -2.59 30.22
CA ARG A 146 -18.32 -1.56 29.20
C ARG A 146 -17.16 -1.61 28.19
N SER A 147 -15.98 -2.02 28.66
CA SER A 147 -14.79 -2.04 27.81
C SER A 147 -14.78 -3.25 26.85
N GLN A 148 -15.79 -4.11 26.95
CA GLN A 148 -15.92 -5.24 26.06
C GLN A 148 -17.23 -5.19 25.27
N SER A 149 -17.99 -4.10 25.47
CA SER A 149 -19.26 -3.91 24.79
C SER A 149 -19.10 -3.77 23.28
N PHE A 150 -20.06 -4.30 22.54
CA PHE A 150 -20.04 -4.18 21.09
C PHE A 150 -20.83 -2.95 20.69
N VAL A 151 -20.18 -2.04 19.97
CA VAL A 151 -20.85 -0.88 19.42
C VAL A 151 -20.82 -1.01 17.92
N GLY A 152 -21.99 -0.90 17.30
CA GLY A 152 -22.09 -1.10 15.86
C GLY A 152 -23.30 -1.93 15.50
N GLU A 153 -23.21 -2.66 14.39
CA GLU A 153 -24.38 -3.33 13.83
C GLU A 153 -24.12 -4.81 13.63
N ILE A 154 -25.10 -5.64 13.96
CA ILE A 154 -24.98 -7.08 13.71
C ILE A 154 -26.23 -7.56 13.01
N GLY A 155 -26.05 -8.38 11.98
CA GLY A 155 -27.20 -8.97 11.31
C GLY A 155 -26.89 -10.35 10.78
N ASP A 156 -27.89 -10.95 10.12
CA ASP A 156 -27.72 -12.23 9.44
C ASP A 156 -27.07 -13.28 10.32
N LEU A 157 -27.57 -13.42 11.54
CA LEU A 157 -26.99 -14.38 12.48
C LEU A 157 -27.73 -15.71 12.39
N TYR A 158 -26.95 -16.78 12.21
CA TYR A 158 -27.47 -18.13 12.15
C TYR A 158 -26.59 -19.05 12.96
N MET A 159 -27.21 -20.03 13.62
CA MET A 159 -26.44 -21.04 14.32
C MET A 159 -27.04 -22.42 14.05
N TRP A 160 -26.19 -23.35 13.62
CA TRP A 160 -26.55 -24.73 13.29
C TRP A 160 -25.90 -25.70 14.27
N ASP A 161 -26.56 -26.83 14.53
CA ASP A 161 -25.97 -27.85 15.40
C ASP A 161 -25.07 -28.84 14.65
N SER A 162 -24.47 -28.37 13.56
CA SER A 162 -23.56 -29.20 12.78
C SER A 162 -22.42 -28.34 12.25
N VAL A 163 -21.38 -29.00 11.74
CA VAL A 163 -20.25 -28.33 11.10
C VAL A 163 -20.52 -28.14 9.61
N LEU A 164 -20.68 -26.90 9.18
CA LEU A 164 -21.00 -26.61 7.79
C LEU A 164 -19.80 -26.83 6.86
N PRO A 165 -20.04 -27.45 5.70
CA PRO A 165 -19.01 -27.53 4.67
C PRO A 165 -18.83 -26.18 3.99
N PRO A 166 -17.69 -25.99 3.32
CA PRO A 166 -17.40 -24.70 2.69
C PRO A 166 -18.53 -24.18 1.81
N GLU A 167 -19.19 -25.06 1.05
CA GLU A 167 -20.24 -24.60 0.16
C GLU A 167 -21.36 -23.90 0.93
N ASN A 168 -21.71 -24.44 2.10
CA ASN A 168 -22.76 -23.85 2.93
C ASN A 168 -22.32 -22.55 3.61
N ILE A 169 -21.04 -22.48 3.97
N ILE A 169 -21.04 -22.46 3.94
CA ILE A 169 -20.49 -21.23 4.49
CA ILE A 169 -20.49 -21.24 4.49
C ILE A 169 -20.59 -20.14 3.42
C ILE A 169 -20.47 -20.12 3.45
N LEU A 170 -20.13 -20.46 2.22
CA LEU A 170 -20.16 -19.49 1.14
C LEU A 170 -21.60 -19.04 0.84
N SER A 171 -22.55 -19.96 0.91
CA SER A 171 -23.96 -19.59 0.76
C SER A 171 -24.38 -18.55 1.80
N ALA A 172 -23.99 -18.76 3.06
CA ALA A 172 -24.35 -17.79 4.09
C ALA A 172 -23.70 -16.43 3.77
N TYR A 173 -22.43 -16.47 3.38
CA TYR A 173 -21.71 -15.24 3.07
C TYR A 173 -22.41 -14.48 1.94
N GLN A 174 -22.85 -15.23 0.95
CA GLN A 174 -23.47 -14.67 -0.25
C GLN A 174 -24.93 -14.26 -0.05
N GLY A 175 -25.50 -14.56 1.11
CA GLY A 175 -26.84 -14.10 1.43
C GLY A 175 -27.94 -15.14 1.20
N THR A 176 -27.56 -16.39 0.99
CA THR A 176 -28.54 -17.47 0.89
C THR A 176 -28.25 -18.60 1.89
N PRO A 177 -28.28 -18.27 3.18
CA PRO A 177 -27.91 -19.29 4.16
C PRO A 177 -28.90 -20.43 4.22
N LEU A 178 -28.41 -21.62 4.54
CA LEU A 178 -29.28 -22.74 4.87
C LEU A 178 -30.08 -22.45 6.14
N PRO A 179 -31.29 -23.00 6.23
CA PRO A 179 -32.07 -22.90 7.46
C PRO A 179 -31.26 -23.41 8.64
N ALA A 180 -31.38 -22.74 9.78
CA ALA A 180 -30.51 -23.02 10.93
C ALA A 180 -31.33 -23.35 12.18
N ASN A 181 -30.96 -24.46 12.82
CA ASN A 181 -31.79 -25.06 13.86
C ASN A 181 -31.50 -24.68 15.31
N ILE A 182 -30.48 -23.86 15.56
CA ILE A 182 -30.26 -23.36 16.91
C ILE A 182 -30.70 -21.89 16.99
N LEU A 183 -30.20 -21.06 16.07
CA LEU A 183 -30.64 -19.67 15.95
C LEU A 183 -30.82 -19.34 14.47
N ASP A 184 -31.90 -18.66 14.12
CA ASP A 184 -32.17 -18.35 12.72
C ASP A 184 -32.70 -16.93 12.59
N TRP A 185 -31.94 -16.09 11.89
CA TRP A 185 -32.26 -14.68 11.72
C TRP A 185 -33.66 -14.47 11.13
N GLN A 186 -34.13 -15.47 10.39
CA GLN A 186 -35.41 -15.35 9.69
C GLN A 186 -36.57 -15.86 10.53
N ALA A 187 -36.26 -16.33 11.73
CA ALA A 187 -37.27 -16.80 12.66
C ALA A 187 -36.68 -16.73 14.07
N LEU A 188 -36.39 -15.50 14.49
CA LEU A 188 -35.59 -15.25 15.68
C LEU A 188 -36.44 -14.86 16.88
N ASN A 189 -36.12 -15.47 18.01
CA ASN A 189 -36.76 -15.15 19.28
C ASN A 189 -35.74 -14.39 20.12
N TYR A 190 -36.03 -13.13 20.39
CA TYR A 190 -35.05 -12.27 21.04
C TYR A 190 -35.71 -11.33 22.03
N GLU A 191 -34.90 -10.74 22.91
CA GLU A 191 -35.34 -9.70 23.83
C GLU A 191 -34.37 -8.53 23.76
N ILE A 192 -34.85 -7.36 23.37
CA ILE A 192 -34.02 -6.16 23.45
C ILE A 192 -34.00 -5.59 24.87
N ARG A 193 -32.81 -5.27 25.37
CA ARG A 193 -32.67 -4.61 26.66
C ARG A 193 -31.85 -3.34 26.48
N GLY A 194 -32.35 -2.23 27.02
CA GLY A 194 -31.62 -0.98 26.88
C GLY A 194 -31.72 -0.42 25.47
N TYR A 195 -30.67 0.28 25.07
CA TYR A 195 -30.67 1.01 23.79
C TYR A 195 -30.14 0.14 22.66
N VAL A 196 -31.06 -0.55 21.99
CA VAL A 196 -30.76 -1.31 20.78
C VAL A 196 -31.88 -1.01 19.81
N ILE A 197 -31.54 -0.68 18.58
CA ILE A 197 -32.52 -0.28 17.59
C ILE A 197 -32.46 -1.19 16.37
N ILE A 198 -33.60 -1.62 15.87
CA ILE A 198 -33.63 -2.39 14.64
C ILE A 198 -33.76 -1.47 13.44
N LYS A 199 -32.83 -1.59 12.51
CA LYS A 199 -32.78 -0.78 11.30
C LYS A 199 -32.57 -1.67 10.07
N PRO A 200 -32.92 -1.17 8.87
CA PRO A 200 -32.55 -1.90 7.66
C PRO A 200 -31.02 -2.08 7.58
N LEU A 201 -30.61 -3.19 7.00
CA LEU A 201 -29.21 -3.43 6.70
C LEU A 201 -28.84 -2.67 5.42
N VAL A 202 -27.96 -1.68 5.53
CA VAL A 202 -27.70 -0.86 4.35
C VAL A 202 -26.27 -1.02 3.81
N TRP A 203 -25.47 -1.81 4.51
CA TRP A 203 -24.06 -1.92 4.20
C TRP A 203 -23.65 -3.24 3.53
N VAL A 204 -24.62 -4.07 3.20
CA VAL A 204 -24.32 -5.24 2.37
C VAL A 204 -24.67 -4.98 0.92
N HIS B 1 -33.81 33.63 -4.75
CA HIS B 1 -32.46 33.48 -4.19
C HIS B 1 -31.46 33.12 -5.27
N THR B 2 -30.50 32.23 -4.97
CA THR B 2 -29.43 31.98 -5.94
C THR B 2 -29.23 30.51 -6.31
N ASP B 3 -29.12 30.25 -7.60
CA ASP B 3 -28.85 28.90 -8.07
C ASP B 3 -27.34 28.72 -8.20
N LEU B 4 -26.76 27.97 -7.27
CA LEU B 4 -25.32 27.74 -7.29
C LEU B 4 -24.91 26.45 -8.00
N SER B 5 -25.80 25.88 -8.81
CA SER B 5 -25.45 24.74 -9.64
C SER B 5 -24.09 24.90 -10.29
N GLY B 6 -23.21 23.92 -10.11
CA GLY B 6 -21.91 23.91 -10.75
C GLY B 6 -20.88 24.84 -10.13
N LYS B 7 -21.20 25.38 -8.96
CA LYS B 7 -20.31 26.31 -8.26
C LYS B 7 -20.04 25.87 -6.84
N VAL B 8 -18.98 26.41 -6.25
CA VAL B 8 -18.62 26.14 -4.86
C VAL B 8 -18.35 27.44 -4.14
N PHE B 9 -18.45 27.42 -2.82
CA PHE B 9 -17.83 28.47 -2.01
C PHE B 9 -16.37 28.09 -1.76
N VAL B 10 -15.47 29.03 -1.99
CA VAL B 10 -14.06 28.83 -1.64
C VAL B 10 -13.72 29.69 -0.43
N PHE B 11 -13.27 29.03 0.64
CA PHE B 11 -12.78 29.69 1.84
C PHE B 11 -11.26 29.60 1.71
N PRO B 12 -10.62 30.65 1.17
CA PRO B 12 -9.27 30.48 0.63
C PRO B 12 -8.15 30.62 1.65
N ARG B 13 -8.47 31.01 2.88
CA ARG B 13 -7.43 31.18 3.88
C ARG B 13 -8.02 30.94 5.24
N GLU B 14 -7.16 30.61 6.19
CA GLU B 14 -7.57 30.43 7.57
C GLU B 14 -7.79 31.81 8.21
N SER B 15 -8.84 31.95 9.01
CA SER B 15 -9.22 33.23 9.61
C SER B 15 -10.20 32.97 10.73
N VAL B 16 -10.48 34.01 11.53
CA VAL B 16 -11.56 33.93 12.53
C VAL B 16 -12.79 34.71 12.03
N THR B 17 -12.80 35.02 10.74
CA THR B 17 -13.82 35.93 10.19
C THR B 17 -14.60 35.40 8.98
N ASP B 18 -13.91 34.73 8.06
CA ASP B 18 -14.52 34.39 6.77
C ASP B 18 -15.58 33.31 6.95
N HIS B 19 -16.79 33.58 6.47
CA HIS B 19 -17.86 32.59 6.60
C HIS B 19 -19.03 32.88 5.67
N VAL B 20 -19.90 31.89 5.50
CA VAL B 20 -21.17 32.10 4.82
C VAL B 20 -22.31 31.81 5.78
N ASN B 21 -23.26 32.74 5.85
N ASN B 21 -23.28 32.72 5.81
CA ASN B 21 -24.48 32.50 6.58
CA ASN B 21 -24.48 32.54 6.59
C ASN B 21 -25.49 31.87 5.63
C ASN B 21 -25.57 31.94 5.69
N LEU B 22 -26.09 30.77 6.07
CA LEU B 22 -27.13 30.12 5.26
C LEU B 22 -28.48 30.35 5.92
N ILE B 23 -29.45 30.77 5.12
CA ILE B 23 -30.75 31.17 5.68
C ILE B 23 -31.83 30.22 5.21
N THR B 24 -32.53 29.61 6.15
CA THR B 24 -33.67 28.78 5.80
C THR B 24 -34.95 29.46 6.28
N PRO B 25 -35.99 29.46 5.43
CA PRO B 25 -37.29 30.05 5.81
C PRO B 25 -38.17 29.03 6.51
N LEU B 26 -37.76 27.77 6.47
CA LEU B 26 -38.52 26.71 7.11
C LEU B 26 -38.23 26.76 8.59
N GLU B 27 -39.13 27.37 9.34
CA GLU B 27 -38.87 27.57 10.76
C GLU B 27 -39.68 26.60 11.59
N LYS B 28 -39.01 25.59 12.10
CA LYS B 28 -39.64 24.56 12.90
C LYS B 28 -38.52 23.84 13.59
N PRO B 29 -38.81 23.21 14.74
CA PRO B 29 -37.80 22.36 15.34
C PRO B 29 -37.64 21.14 14.45
N LEU B 30 -36.48 20.50 14.51
CA LEU B 30 -36.23 19.35 13.67
C LEU B 30 -36.29 18.04 14.45
N GLN B 31 -37.15 17.13 14.02
CA GLN B 31 -37.21 15.79 14.59
C GLN B 31 -36.40 14.84 13.70
N ASN B 32 -36.39 15.13 12.40
CA ASN B 32 -35.69 14.33 11.40
C ASN B 32 -34.96 15.30 10.47
N PHE B 33 -33.76 14.96 10.03
CA PHE B 33 -33.14 15.71 8.95
C PHE B 33 -32.10 14.88 8.25
N THR B 34 -31.78 15.28 7.03
CA THR B 34 -30.61 14.80 6.32
C THR B 34 -29.89 16.00 5.73
N LEU B 35 -28.58 16.01 5.84
CA LEU B 35 -27.75 17.04 5.25
C LEU B 35 -26.69 16.41 4.33
N CYS B 36 -26.63 16.85 3.07
CA CYS B 36 -25.59 16.38 2.14
C CYS B 36 -24.82 17.56 1.57
N PHE B 37 -23.52 17.37 1.34
CA PHE B 37 -22.70 18.39 0.67
C PHE B 37 -21.38 17.76 0.24
N ARG B 38 -20.68 18.46 -0.65
CA ARG B 38 -19.35 18.07 -1.07
C ARG B 38 -18.32 19.03 -0.46
N ALA B 39 -17.17 18.49 -0.09
CA ALA B 39 -16.11 19.31 0.47
C ALA B 39 -14.73 18.87 -0.03
N TYR B 40 -13.82 19.82 -0.11
CA TYR B 40 -12.46 19.51 -0.53
C TYR B 40 -11.55 20.41 0.28
N SER B 41 -10.74 19.81 1.15
CA SER B 41 -9.85 20.57 2.03
C SER B 41 -8.58 19.77 2.23
N ASP B 42 -7.45 20.44 2.39
CA ASP B 42 -6.22 19.74 2.74
C ASP B 42 -5.71 20.09 4.14
N LEU B 43 -6.61 20.58 4.98
CA LEU B 43 -6.33 20.72 6.41
C LEU B 43 -6.16 19.35 7.05
N SER B 44 -5.20 19.25 7.97
CA SER B 44 -5.07 18.05 8.81
C SER B 44 -5.61 18.29 10.21
N ARG B 45 -5.61 19.54 10.64
CA ARG B 45 -6.16 19.90 11.94
C ARG B 45 -7.69 19.77 11.91
N ALA B 46 -8.30 19.85 13.10
CA ALA B 46 -9.75 19.78 13.22
C ALA B 46 -10.41 20.98 12.55
N TYR B 47 -11.62 20.79 12.04
CA TYR B 47 -12.40 21.91 11.51
C TYR B 47 -13.88 21.62 11.47
N SER B 48 -14.69 22.68 11.48
CA SER B 48 -16.13 22.56 11.34
C SER B 48 -16.54 22.54 9.87
N LEU B 49 -17.45 21.63 9.53
CA LEU B 49 -18.04 21.58 8.19
C LEU B 49 -19.37 22.33 8.11
N PHE B 50 -20.21 22.16 9.13
CA PHE B 50 -21.54 22.75 9.13
C PHE B 50 -21.94 23.03 10.57
N SER B 51 -22.15 24.31 10.89
CA SER B 51 -22.37 24.76 12.26
C SER B 51 -23.77 25.39 12.38
N TYR B 52 -24.60 24.81 13.24
CA TYR B 52 -25.99 25.24 13.41
C TYR B 52 -26.18 25.48 14.93
N ASN B 53 -26.28 26.75 15.30
CA ASN B 53 -26.48 27.15 16.70
C ASN B 53 -27.82 27.85 16.85
N THR B 54 -28.40 27.77 18.04
CA THR B 54 -29.62 28.55 18.29
C THR B 54 -29.36 29.46 19.48
N GLN B 55 -30.32 30.34 19.76
CA GLN B 55 -30.10 31.35 20.80
C GLN B 55 -29.83 30.66 22.13
N GLY B 56 -28.68 30.96 22.72
CA GLY B 56 -28.29 30.36 23.99
C GLY B 56 -27.87 28.91 23.94
N ARG B 57 -27.82 28.32 22.75
CA ARG B 57 -27.48 26.91 22.62
C ARG B 57 -26.35 26.66 21.62
N ASP B 58 -25.19 26.28 22.14
CA ASP B 58 -24.03 25.98 21.29
C ASP B 58 -24.14 24.56 20.76
N ASN B 59 -23.53 24.31 19.61
CA ASN B 59 -23.49 22.96 19.05
C ASN B 59 -24.84 22.26 19.01
N GLU B 60 -25.86 22.97 18.55
CA GLU B 60 -27.22 22.43 18.48
C GLU B 60 -27.27 21.36 17.38
N LEU B 61 -26.63 21.63 16.25
CA LEU B 61 -26.44 20.65 15.19
C LEU B 61 -25.11 20.99 14.56
N LEU B 62 -24.12 20.11 14.70
CA LEU B 62 -22.78 20.44 14.21
C LEU B 62 -22.14 19.24 13.54
N VAL B 63 -21.61 19.45 12.34
CA VAL B 63 -20.86 18.40 11.65
C VAL B 63 -19.40 18.84 11.68
N TYR B 64 -18.57 18.02 12.31
CA TYR B 64 -17.22 18.42 12.68
C TYR B 64 -16.24 17.32 12.30
N LYS B 65 -15.09 17.72 11.77
CA LYS B 65 -14.05 16.77 11.37
C LYS B 65 -12.86 16.93 12.33
N GLU B 66 -12.71 16.02 13.28
N GLU B 66 -12.72 16.00 13.28
CA GLU B 66 -11.64 16.17 14.26
CA GLU B 66 -11.66 16.11 14.29
C GLU B 66 -10.28 15.83 13.65
C GLU B 66 -10.29 15.77 13.71
N ARG B 67 -10.26 14.86 12.74
CA ARG B 67 -9.01 14.44 12.11
C ARG B 67 -9.36 13.59 10.90
N VAL B 68 -8.36 13.24 10.10
CA VAL B 68 -8.57 12.44 8.92
C VAL B 68 -9.29 11.12 9.27
N GLY B 69 -10.26 10.75 8.45
CA GLY B 69 -10.97 9.49 8.63
C GLY B 69 -12.01 9.44 9.74
N GLU B 70 -12.32 10.59 10.34
CA GLU B 70 -13.27 10.60 11.47
C GLU B 70 -14.26 11.75 11.34
N TYR B 71 -15.54 11.41 11.28
CA TYR B 71 -16.60 12.40 11.18
C TYR B 71 -17.44 12.43 12.43
N SER B 72 -17.73 13.62 12.95
CA SER B 72 -18.57 13.75 14.16
C SER B 72 -19.85 14.50 13.88
N LEU B 73 -20.94 14.04 14.49
CA LEU B 73 -22.18 14.80 14.52
C LEU B 73 -22.51 15.17 15.96
N TYR B 74 -22.82 16.45 16.19
CA TYR B 74 -23.32 16.90 17.48
C TYR B 74 -24.80 17.18 17.32
N ILE B 75 -25.62 16.68 18.26
CA ILE B 75 -27.01 17.08 18.35
C ILE B 75 -27.22 17.57 19.77
N GLY B 76 -27.59 18.83 19.92
CA GLY B 76 -27.83 19.36 21.25
C GLY B 76 -26.67 19.11 22.20
N ARG B 77 -25.47 19.43 21.73
CA ARG B 77 -24.24 19.32 22.50
C ARG B 77 -23.70 17.90 22.71
N HIS B 78 -24.53 16.87 22.52
CA HIS B 78 -24.03 15.50 22.57
C HIS B 78 -23.39 15.14 21.23
N LYS B 79 -22.43 14.23 21.24
CA LYS B 79 -21.76 13.91 19.99
C LYS B 79 -21.59 12.41 19.75
N VAL B 80 -21.58 12.06 18.47
CA VAL B 80 -21.15 10.74 18.04
C VAL B 80 -20.09 10.90 16.95
N THR B 81 -19.24 9.88 16.79
CA THR B 81 -18.18 9.91 15.80
C THR B 81 -18.10 8.55 15.13
N SER B 82 -17.97 8.55 13.80
CA SER B 82 -17.75 7.30 13.08
C SER B 82 -16.57 7.44 12.15
N LYS B 83 -15.96 6.30 11.86
CA LYS B 83 -14.68 6.28 11.16
C LYS B 83 -14.83 5.74 9.75
N VAL B 84 -13.91 6.14 8.88
CA VAL B 84 -13.96 5.68 7.51
C VAL B 84 -12.56 5.66 6.91
N ILE B 85 -12.35 4.76 5.95
CA ILE B 85 -11.12 4.76 5.19
C ILE B 85 -11.22 5.78 4.08
N GLU B 86 -10.31 6.76 4.10
N GLU B 86 -10.31 6.76 4.10
CA GLU B 86 -10.30 7.81 3.07
CA GLU B 86 -10.27 7.77 3.05
C GLU B 86 -8.88 8.25 2.73
C GLU B 86 -8.83 8.07 2.66
N LYS B 87 -8.66 8.61 1.46
CA LYS B 87 -7.38 9.12 1.03
C LYS B 87 -7.28 10.56 1.47
N PHE B 88 -6.06 11.06 1.62
CA PHE B 88 -5.87 12.45 2.02
C PHE B 88 -4.72 13.08 1.24
N PRO B 89 -4.95 14.25 0.65
CA PRO B 89 -6.22 14.97 0.57
C PRO B 89 -7.10 14.35 -0.50
N ALA B 90 -8.41 14.49 -0.36
CA ALA B 90 -9.32 14.04 -1.41
C ALA B 90 -10.67 14.73 -1.27
N PRO B 91 -11.30 15.04 -2.40
CA PRO B 91 -12.68 15.52 -2.34
C PRO B 91 -13.56 14.47 -1.69
N VAL B 92 -14.61 14.90 -1.02
CA VAL B 92 -15.50 13.97 -0.37
C VAL B 92 -16.95 14.40 -0.57
N HIS B 93 -17.86 13.43 -0.67
CA HIS B 93 -19.28 13.73 -0.56
C HIS B 93 -19.76 13.20 0.78
N ILE B 94 -20.43 14.05 1.54
CA ILE B 94 -20.86 13.67 2.88
C ILE B 94 -22.37 13.81 2.99
N CYS B 95 -23.01 12.77 3.52
CA CYS B 95 -24.41 12.88 3.91
C CYS B 95 -24.47 12.47 5.37
N VAL B 96 -25.28 13.17 6.15
CA VAL B 96 -25.55 12.73 7.52
C VAL B 96 -27.04 12.92 7.81
N SER B 97 -27.67 11.92 8.40
CA SER B 97 -29.07 12.04 8.79
C SER B 97 -29.21 11.73 10.27
N TRP B 98 -30.29 12.21 10.87
CA TRP B 98 -30.56 11.92 12.27
C TRP B 98 -32.06 11.86 12.48
N GLU B 99 -32.46 10.92 13.33
CA GLU B 99 -33.88 10.62 13.55
C GLU B 99 -34.14 10.64 15.05
N SER B 100 -34.95 11.59 15.53
CA SER B 100 -35.17 11.71 16.97
C SER B 100 -35.78 10.45 17.58
N SER B 101 -36.70 9.83 16.86
CA SER B 101 -37.45 8.72 17.44
C SER B 101 -36.55 7.58 17.89
N SER B 102 -35.47 7.35 17.15
CA SER B 102 -34.50 6.31 17.48
C SER B 102 -33.20 6.86 18.01
N GLY B 103 -32.93 8.14 17.73
CA GLY B 103 -31.64 8.74 18.04
C GLY B 103 -30.57 8.38 17.03
N ILE B 104 -30.90 7.58 16.01
CA ILE B 104 -29.87 7.09 15.07
C ILE B 104 -29.34 8.17 14.13
N ALA B 105 -28.02 8.27 14.09
CA ALA B 105 -27.27 9.11 13.15
C ALA B 105 -26.60 8.23 12.10
N GLU B 106 -26.83 8.54 10.83
CA GLU B 106 -26.19 7.82 9.73
C GLU B 106 -25.29 8.74 8.93
N PHE B 107 -23.98 8.46 8.91
CA PHE B 107 -23.07 9.14 7.98
C PHE B 107 -22.90 8.29 6.74
N TRP B 108 -22.87 8.94 5.58
CA TRP B 108 -22.52 8.28 4.31
C TRP B 108 -21.38 9.07 3.69
N ILE B 109 -20.29 8.40 3.34
CA ILE B 109 -19.11 9.09 2.82
C ILE B 109 -18.86 8.53 1.42
N ASN B 110 -18.94 9.39 0.41
CA ASN B 110 -18.85 8.95 -0.98
C ASN B 110 -19.82 7.83 -1.30
N GLY B 111 -21.02 7.92 -0.75
CA GLY B 111 -22.07 6.95 -0.99
C GLY B 111 -21.92 5.62 -0.25
N THR B 112 -20.95 5.56 0.66
CA THR B 112 -20.71 4.37 1.49
C THR B 112 -21.17 4.65 2.93
N PRO B 113 -21.99 3.76 3.50
CA PRO B 113 -22.47 4.00 4.87
C PRO B 113 -21.41 3.73 5.93
N LEU B 114 -21.28 4.65 6.89
CA LEU B 114 -20.46 4.41 8.08
C LEU B 114 -21.29 3.64 9.10
N VAL B 115 -20.66 3.19 10.17
CA VAL B 115 -21.39 2.53 11.24
C VAL B 115 -22.37 3.52 11.87
N LYS B 116 -23.61 3.10 12.08
CA LYS B 116 -24.61 3.94 12.71
C LYS B 116 -24.26 4.15 14.18
N LYS B 117 -24.54 5.35 14.68
CA LYS B 117 -24.40 5.62 16.10
C LYS B 117 -25.70 6.27 16.56
N GLY B 118 -25.84 6.48 17.86
CA GLY B 118 -27.11 6.99 18.39
C GLY B 118 -26.93 7.98 19.52
N LEU B 119 -27.76 9.02 19.50
CA LEU B 119 -27.69 10.10 20.48
C LEU B 119 -28.99 10.89 20.54
N ARG B 120 -29.29 11.43 21.71
CA ARG B 120 -30.41 12.36 21.87
C ARG B 120 -31.75 11.81 21.40
N GLN B 121 -32.00 10.53 21.64
CA GLN B 121 -33.31 9.96 21.27
C GLN B 121 -34.41 10.77 21.98
N GLY B 122 -35.41 11.21 21.21
CA GLY B 122 -36.56 11.93 21.77
C GLY B 122 -36.38 13.43 21.79
N TYR B 123 -35.18 13.90 21.49
CA TYR B 123 -34.85 15.32 21.48
C TYR B 123 -35.36 15.97 20.19
N PHE B 124 -35.66 17.26 20.27
CA PHE B 124 -35.97 18.03 19.07
C PHE B 124 -34.89 19.09 18.88
N VAL B 125 -34.26 19.10 17.71
CA VAL B 125 -33.30 20.15 17.40
C VAL B 125 -34.04 21.49 17.33
N GLU B 126 -33.53 22.48 18.04
CA GLU B 126 -34.24 23.75 18.16
C GLU B 126 -34.37 24.51 16.84
N ALA B 127 -35.47 25.26 16.74
CA ALA B 127 -35.73 26.08 15.56
C ALA B 127 -34.97 27.40 15.60
N GLN B 128 -35.03 28.15 14.51
CA GLN B 128 -34.45 29.50 14.40
C GLN B 128 -32.94 29.51 14.59
N PRO B 129 -32.23 28.73 13.78
CA PRO B 129 -30.78 28.69 13.89
C PRO B 129 -30.09 29.86 13.19
N LYS B 130 -28.82 30.04 13.54
CA LYS B 130 -27.87 30.65 12.63
C LYS B 130 -27.07 29.47 12.11
N ILE B 131 -26.98 29.38 10.78
CA ILE B 131 -26.29 28.28 10.12
C ILE B 131 -25.08 28.88 9.42
N VAL B 132 -23.90 28.35 9.72
CA VAL B 132 -22.66 28.94 9.22
C VAL B 132 -21.77 27.88 8.57
N LEU B 133 -21.27 28.20 7.38
CA LEU B 133 -20.18 27.47 6.75
C LEU B 133 -18.90 28.28 6.90
N GLY B 134 -17.78 27.58 7.15
CA GLY B 134 -16.49 28.24 7.16
C GLY B 134 -15.93 28.49 8.54
N GLN B 135 -16.81 28.58 9.54
CA GLN B 135 -16.40 28.76 10.92
C GLN B 135 -17.24 27.90 11.84
N GLU B 136 -16.72 27.64 13.03
CA GLU B 136 -17.48 26.94 14.06
C GLU B 136 -18.01 28.01 15.01
N GLN B 137 -19.33 28.06 15.20
CA GLN B 137 -19.90 29.04 16.14
C GLN B 137 -19.80 28.61 17.59
N ASP B 138 -19.53 29.56 18.49
CA ASP B 138 -19.70 29.32 19.92
C ASP B 138 -20.78 30.23 20.53
N SER B 139 -21.33 31.12 19.70
CA SER B 139 -22.46 31.94 20.08
C SER B 139 -23.51 31.91 18.96
N TYR B 140 -24.57 32.69 19.11
CA TYR B 140 -25.61 32.75 18.09
C TYR B 140 -25.13 33.62 16.93
N GLY B 141 -24.47 32.97 15.98
CA GLY B 141 -23.95 33.66 14.80
C GLY B 141 -22.49 34.08 14.89
N GLY B 142 -21.80 33.74 15.96
CA GLY B 142 -20.45 34.24 16.14
C GLY B 142 -19.56 33.46 17.08
N LYS B 143 -18.64 34.18 17.73
CA LYS B 143 -17.62 33.60 18.61
C LYS B 143 -16.89 32.46 17.90
N PHE B 144 -16.30 32.80 16.76
CA PHE B 144 -15.59 31.83 15.93
C PHE B 144 -14.21 31.54 16.51
N ASP B 145 -13.53 30.56 15.91
CA ASP B 145 -12.22 30.11 16.40
C ASP B 145 -11.40 29.77 15.16
N ARG B 146 -10.35 30.55 14.92
CA ARG B 146 -9.54 30.30 13.73
C ARG B 146 -8.99 28.88 13.64
N SER B 147 -8.73 28.26 14.79
CA SER B 147 -8.19 26.90 14.80
C SER B 147 -9.24 25.84 14.45
N GLN B 148 -10.49 26.27 14.26
CA GLN B 148 -11.55 25.38 13.80
C GLN B 148 -12.13 25.84 12.46
N SER B 149 -11.54 26.88 11.86
CA SER B 149 -12.04 27.39 10.59
C SER B 149 -11.87 26.39 9.47
N PHE B 150 -12.77 26.44 8.50
CA PHE B 150 -12.66 25.58 7.32
C PHE B 150 -11.93 26.32 6.20
N VAL B 151 -10.91 25.69 5.65
CA VAL B 151 -10.19 26.24 4.51
C VAL B 151 -10.36 25.23 3.39
N GLY B 152 -10.84 25.71 2.25
CA GLY B 152 -11.09 24.84 1.11
C GLY B 152 -12.43 25.15 0.47
N GLU B 153 -13.06 24.12 -0.08
CA GLU B 153 -14.23 24.34 -0.94
C GLU B 153 -15.42 23.50 -0.50
N ILE B 154 -16.61 24.08 -0.56
CA ILE B 154 -17.85 23.38 -0.27
C ILE B 154 -18.87 23.66 -1.36
N GLY B 155 -19.57 22.62 -1.80
CA GLY B 155 -20.57 22.77 -2.85
C GLY B 155 -21.68 21.75 -2.70
N ASP B 156 -22.69 21.85 -3.57
CA ASP B 156 -23.78 20.88 -3.61
C ASP B 156 -24.40 20.56 -2.25
N LEU B 157 -24.71 21.61 -1.50
CA LEU B 157 -25.30 21.47 -0.17
C LEU B 157 -26.82 21.44 -0.21
N TYR B 158 -27.39 20.41 0.40
CA TYR B 158 -28.85 20.21 0.48
C TYR B 158 -29.21 19.74 1.87
N MET B 159 -30.38 20.18 2.36
CA MET B 159 -30.81 19.72 3.67
C MET B 159 -32.32 19.49 3.63
N TRP B 160 -32.75 18.32 4.09
CA TRP B 160 -34.15 17.90 4.04
C TRP B 160 -34.66 17.69 5.46
N ASP B 161 -35.96 17.87 5.68
CA ASP B 161 -36.52 17.62 7.00
C ASP B 161 -37.00 16.18 7.19
N SER B 162 -36.34 15.26 6.51
CA SER B 162 -36.61 13.84 6.68
C SER B 162 -35.33 13.03 6.60
N VAL B 163 -35.41 11.76 6.99
CA VAL B 163 -34.28 10.85 6.87
C VAL B 163 -34.28 10.17 5.50
N LEU B 164 -33.28 10.47 4.69
CA LEU B 164 -33.22 9.91 3.34
C LEU B 164 -32.88 8.43 3.34
N PRO B 165 -33.60 7.65 2.53
CA PRO B 165 -33.19 6.24 2.33
C PRO B 165 -31.96 6.17 1.43
N PRO B 166 -31.28 5.02 1.40
CA PRO B 166 -30.03 4.88 0.65
C PRO B 166 -30.12 5.31 -0.81
N GLU B 167 -31.23 5.00 -1.49
CA GLU B 167 -31.34 5.37 -2.90
C GLU B 167 -31.27 6.88 -3.11
N ASN B 168 -31.85 7.64 -2.18
CA ASN B 168 -31.83 9.09 -2.27
C ASN B 168 -30.44 9.65 -1.94
N ILE B 169 -29.77 9.00 -0.99
CA ILE B 169 -28.39 9.37 -0.67
C ILE B 169 -27.52 9.15 -1.90
N LEU B 170 -27.70 8.01 -2.57
CA LEU B 170 -26.91 7.73 -3.76
C LEU B 170 -27.19 8.75 -4.86
N SER B 171 -28.46 9.11 -5.05
CA SER B 171 -28.83 10.16 -6.00
C SER B 171 -28.10 11.45 -5.74
N ALA B 172 -28.05 11.89 -4.48
CA ALA B 172 -27.31 13.10 -4.14
C ALA B 172 -25.81 12.96 -4.48
N TYR B 173 -25.22 11.83 -4.10
CA TYR B 173 -23.82 11.59 -4.35
C TYR B 173 -23.53 11.67 -5.85
N GLN B 174 -24.46 11.15 -6.66
CA GLN B 174 -24.27 11.07 -8.10
C GLN B 174 -24.56 12.37 -8.83
N GLY B 175 -25.13 13.34 -8.12
CA GLY B 175 -25.39 14.65 -8.70
C GLY B 175 -26.83 14.88 -9.13
N THR B 176 -27.73 13.98 -8.74
CA THR B 176 -29.16 14.16 -9.00
C THR B 176 -30.00 14.09 -7.72
N PRO B 177 -29.73 15.01 -6.77
CA PRO B 177 -30.48 15.01 -5.51
C PRO B 177 -31.96 15.29 -5.69
N LEU B 178 -32.78 14.72 -4.81
CA LEU B 178 -34.18 15.12 -4.72
C LEU B 178 -34.22 16.54 -4.21
N PRO B 179 -35.18 17.35 -4.70
CA PRO B 179 -35.26 18.72 -4.18
C PRO B 179 -35.35 18.74 -2.66
N ALA B 180 -34.70 19.72 -2.04
CA ALA B 180 -34.56 19.76 -0.58
C ALA B 180 -35.36 20.94 -0.03
N ASN B 181 -35.92 20.76 1.16
CA ASN B 181 -36.85 21.77 1.69
C ASN B 181 -36.34 22.65 2.83
N ILE B 182 -35.17 22.35 3.38
CA ILE B 182 -34.60 23.23 4.40
C ILE B 182 -33.54 24.13 3.76
N LEU B 183 -32.60 23.51 3.07
CA LEU B 183 -31.59 24.24 2.30
C LEU B 183 -31.42 23.56 0.95
N ASP B 184 -31.34 24.36 -0.10
CA ASP B 184 -31.19 23.81 -1.45
C ASP B 184 -30.22 24.61 -2.28
N TRP B 185 -29.15 23.94 -2.73
CA TRP B 185 -28.08 24.56 -3.49
C TRP B 185 -28.57 25.28 -4.76
N GLN B 186 -29.68 24.83 -5.31
CA GLN B 186 -30.21 25.45 -6.54
C GLN B 186 -31.13 26.63 -6.26
N ALA B 187 -31.37 26.90 -4.98
CA ALA B 187 -32.18 28.04 -4.58
C ALA B 187 -31.79 28.47 -3.17
N LEU B 188 -30.56 28.95 -3.04
CA LEU B 188 -29.93 29.13 -1.76
C LEU B 188 -29.96 30.59 -1.35
N ASN B 189 -30.41 30.83 -0.13
CA ASN B 189 -30.36 32.17 0.45
C ASN B 189 -29.15 32.23 1.36
N TYR B 190 -28.12 32.98 0.95
CA TYR B 190 -26.88 33.00 1.70
C TYR B 190 -26.35 34.41 1.82
N GLU B 191 -25.44 34.62 2.75
CA GLU B 191 -24.74 35.88 2.85
C GLU B 191 -23.26 35.57 3.03
N ILE B 192 -22.43 36.11 2.15
CA ILE B 192 -20.99 35.98 2.32
C ILE B 192 -20.48 37.05 3.27
N ARG B 193 -19.67 36.64 4.25
CA ARG B 193 -19.00 37.58 5.16
C ARG B 193 -17.50 37.40 5.08
N GLY B 194 -16.77 38.47 4.81
CA GLY B 194 -15.33 38.35 4.69
C GLY B 194 -14.90 37.71 3.38
N TYR B 195 -13.81 36.96 3.42
CA TYR B 195 -13.16 36.44 2.21
C TYR B 195 -13.66 35.06 1.85
N VAL B 196 -14.73 35.02 1.07
CA VAL B 196 -15.26 33.79 0.49
C VAL B 196 -15.56 34.10 -0.96
N ILE B 197 -15.11 33.21 -1.86
CA ILE B 197 -15.22 33.48 -3.29
C ILE B 197 -16.02 32.37 -3.94
N ILE B 198 -16.95 32.73 -4.82
CA ILE B 198 -17.69 31.70 -5.54
C ILE B 198 -16.95 31.37 -6.85
N LYS B 199 -16.66 30.09 -7.04
CA LYS B 199 -15.96 29.60 -8.23
C LYS B 199 -16.68 28.40 -8.81
N PRO B 200 -16.40 28.09 -10.09
CA PRO B 200 -16.92 26.81 -10.61
C PRO B 200 -16.39 25.63 -9.80
N LEU B 201 -17.19 24.58 -9.72
CA LEU B 201 -16.76 23.32 -9.11
C LEU B 201 -15.96 22.57 -10.15
N VAL B 202 -14.65 22.39 -9.92
CA VAL B 202 -13.80 21.74 -10.94
C VAL B 202 -13.33 20.34 -10.56
N TRP B 203 -13.70 19.89 -9.36
CA TRP B 203 -13.12 18.67 -8.83
C TRP B 203 -14.15 17.54 -8.71
N VAL B 204 -15.38 17.86 -9.11
CA VAL B 204 -16.44 16.88 -9.28
C VAL B 204 -17.21 17.21 -10.56
N HIS C 1 12.37 32.10 -29.44
CA HIS C 1 13.45 32.10 -30.42
C HIS C 1 14.06 30.72 -30.64
N THR C 2 13.96 29.81 -29.66
CA THR C 2 14.27 28.40 -29.89
C THR C 2 13.04 27.54 -29.59
N ASP C 3 12.78 26.56 -30.45
CA ASP C 3 11.69 25.61 -30.25
C ASP C 3 12.21 24.40 -29.49
N LEU C 4 11.83 24.29 -28.22
CA LEU C 4 12.31 23.18 -27.38
C LEU C 4 11.32 22.02 -27.32
N SER C 5 10.35 21.98 -28.24
CA SER C 5 9.45 20.84 -28.35
C SER C 5 10.24 19.53 -28.26
N GLY C 6 9.80 18.64 -27.37
CA GLY C 6 10.41 17.33 -27.26
C GLY C 6 11.74 17.31 -26.52
N LYS C 7 12.10 18.44 -25.92
CA LYS C 7 13.38 18.58 -25.21
C LYS C 7 13.18 19.12 -23.81
N VAL C 8 14.17 18.90 -22.97
CA VAL C 8 14.16 19.40 -21.60
C VAL C 8 15.45 20.13 -21.31
N PHE C 9 15.43 21.01 -20.30
CA PHE C 9 16.66 21.46 -19.67
C PHE C 9 17.03 20.43 -18.62
N VAL C 10 18.27 19.93 -18.66
CA VAL C 10 18.79 19.08 -17.60
C VAL C 10 19.73 19.89 -16.71
N PHE C 11 19.37 20.00 -15.44
CA PHE C 11 20.25 20.57 -14.42
C PHE C 11 20.90 19.38 -13.72
N PRO C 12 22.12 19.00 -14.17
CA PRO C 12 22.59 17.65 -13.84
C PRO C 12 23.26 17.51 -12.48
N ARG C 13 23.43 18.61 -11.76
CA ARG C 13 24.12 18.53 -10.46
C ARG C 13 23.62 19.65 -9.54
N GLU C 14 23.85 19.45 -8.25
CA GLU C 14 23.61 20.52 -7.28
C GLU C 14 24.70 21.58 -7.41
N SER C 15 24.30 22.84 -7.34
CA SER C 15 25.25 23.94 -7.49
C SER C 15 24.62 25.24 -7.05
N VAL C 16 25.42 26.29 -7.03
CA VAL C 16 24.89 27.63 -6.86
C VAL C 16 25.07 28.41 -8.16
N THR C 17 25.58 27.72 -9.19
CA THR C 17 25.95 28.38 -10.43
C THR C 17 25.01 28.10 -11.60
N ASP C 18 24.45 26.91 -11.63
CA ASP C 18 23.77 26.43 -12.84
C ASP C 18 22.34 26.96 -12.92
N HIS C 19 22.02 27.69 -13.98
CA HIS C 19 20.68 28.23 -14.15
C HIS C 19 20.33 28.60 -15.57
N VAL C 20 19.04 28.79 -15.83
CA VAL C 20 18.61 29.32 -17.12
C VAL C 20 17.81 30.59 -16.87
N ASN C 21 18.15 31.66 -17.58
CA ASN C 21 17.34 32.87 -17.54
C ASN C 21 16.31 32.81 -18.64
N LEU C 22 15.05 33.04 -18.29
CA LEU C 22 13.98 33.11 -19.29
C LEU C 22 13.62 34.56 -19.55
N ILE C 23 13.58 34.91 -20.82
CA ILE C 23 13.40 36.30 -21.24
C ILE C 23 12.02 36.53 -21.85
N THR C 24 11.30 37.47 -21.28
CA THR C 24 9.99 37.85 -21.79
C THR C 24 9.91 39.36 -21.71
N PRO C 25 9.31 39.98 -22.71
CA PRO C 25 9.16 41.44 -22.77
C PRO C 25 7.92 41.85 -21.99
N LEU C 26 7.92 41.59 -20.69
CA LEU C 26 6.75 41.87 -19.87
C LEU C 26 6.86 43.25 -19.22
N GLU C 27 6.18 44.22 -19.84
CA GLU C 27 6.26 45.61 -19.44
C GLU C 27 5.13 46.05 -18.52
N LYS C 28 4.02 45.32 -18.54
CA LYS C 28 2.87 45.70 -17.74
C LYS C 28 2.69 44.73 -16.59
N PRO C 29 2.33 45.25 -15.41
CA PRO C 29 2.09 44.40 -14.25
C PRO C 29 1.02 43.36 -14.58
N LEU C 30 1.20 42.17 -14.01
CA LEU C 30 0.31 41.04 -14.26
C LEU C 30 -0.83 40.98 -13.28
N GLN C 31 -2.06 40.97 -13.80
N GLN C 31 -2.05 40.96 -13.80
CA GLN C 31 -3.24 40.83 -12.96
CA GLN C 31 -3.23 40.83 -12.98
C GLN C 31 -3.71 39.37 -12.91
C GLN C 31 -3.63 39.36 -12.88
N ASN C 32 -3.48 38.64 -14.00
CA ASN C 32 -3.86 37.22 -14.09
C ASN C 32 -2.74 36.44 -14.78
N PHE C 33 -2.51 35.19 -14.37
CA PHE C 33 -1.59 34.34 -15.13
C PHE C 33 -1.84 32.86 -14.87
N THR C 34 -1.38 32.04 -15.80
CA THR C 34 -1.26 30.62 -15.57
C THR C 34 0.13 30.20 -16.04
N LEU C 35 0.79 29.34 -15.26
CA LEU C 35 2.09 28.79 -15.63
C LEU C 35 2.01 27.26 -15.58
N CYS C 36 2.41 26.59 -16.66
CA CYS C 36 2.43 25.12 -16.71
C CYS C 36 3.82 24.67 -17.11
N PHE C 37 4.27 23.55 -16.53
CA PHE C 37 5.54 22.95 -16.95
C PHE C 37 5.61 21.51 -16.44
N ARG C 38 6.55 20.73 -16.97
CA ARG C 38 6.82 19.38 -16.45
C ARG C 38 8.16 19.36 -15.74
N ALA C 39 8.24 18.56 -14.69
CA ALA C 39 9.52 18.48 -13.97
C ALA C 39 9.76 17.06 -13.49
N TYR C 40 11.03 16.67 -13.44
CA TYR C 40 11.40 15.34 -12.98
C TYR C 40 12.66 15.49 -12.11
N SER C 41 12.50 15.25 -10.81
CA SER C 41 13.61 15.42 -9.87
C SER C 41 13.54 14.34 -8.80
N ASP C 42 14.68 13.87 -8.31
CA ASP C 42 14.66 12.95 -7.18
C ASP C 42 15.24 13.59 -5.93
N LEU C 43 15.23 14.92 -5.90
CA LEU C 43 15.50 15.65 -4.66
C LEU C 43 14.40 15.46 -3.63
N SER C 44 14.80 15.31 -2.37
CA SER C 44 13.85 15.28 -1.25
C SER C 44 13.80 16.61 -0.49
N ARG C 45 14.90 17.34 -0.52
CA ARG C 45 14.94 18.66 0.11
C ARG C 45 14.09 19.65 -0.67
N ALA C 46 13.92 20.84 -0.11
CA ALA C 46 13.17 21.92 -0.75
C ALA C 46 13.90 22.43 -1.98
N TYR C 47 13.15 22.89 -2.98
CA TYR C 47 13.78 23.50 -4.14
C TYR C 47 12.82 24.42 -4.88
N SER C 48 13.37 25.38 -5.60
CA SER C 48 12.58 26.30 -6.39
C SER C 48 12.35 25.73 -7.78
N LEU C 49 11.12 25.82 -8.27
CA LEU C 49 10.80 25.39 -9.63
C LEU C 49 10.80 26.54 -10.62
N PHE C 50 10.33 27.72 -10.19
CA PHE C 50 10.20 28.87 -11.09
C PHE C 50 10.30 30.11 -10.23
N SER C 51 11.35 30.89 -10.49
CA SER C 51 11.68 32.06 -9.66
C SER C 51 11.57 33.36 -10.46
N TYR C 52 10.69 34.26 -10.03
CA TYR C 52 10.42 35.50 -10.74
C TYR C 52 10.56 36.64 -9.73
N ASN C 53 11.62 37.43 -9.90
CA ASN C 53 11.88 38.58 -9.04
C ASN C 53 11.85 39.86 -9.86
N THR C 54 11.59 40.98 -9.22
CA THR C 54 11.66 42.27 -9.91
C THR C 54 12.58 43.20 -9.11
N GLN C 55 12.87 44.38 -9.66
CA GLN C 55 13.83 45.26 -8.98
C GLN C 55 13.30 45.63 -7.60
N GLY C 56 14.09 45.29 -6.57
CA GLY C 56 13.75 45.58 -5.20
C GLY C 56 12.72 44.64 -4.59
N ARG C 57 12.31 43.63 -5.35
CA ARG C 57 11.26 42.73 -4.89
C ARG C 57 11.63 41.26 -5.07
N ASP C 58 11.93 40.62 -3.95
CA ASP C 58 12.20 39.21 -3.93
C ASP C 58 10.90 38.40 -3.76
N ASN C 59 10.90 37.19 -4.29
CA ASN C 59 9.70 36.32 -4.23
C ASN C 59 8.44 36.99 -4.75
N GLU C 60 8.57 37.68 -5.88
CA GLU C 60 7.46 38.40 -6.46
C GLU C 60 6.47 37.39 -7.06
N LEU C 61 7.01 36.37 -7.72
CA LEU C 61 6.20 35.24 -8.15
C LEU C 61 7.12 34.03 -8.07
N LEU C 62 6.80 33.09 -7.17
CA LEU C 62 7.70 31.96 -6.94
C LEU C 62 6.89 30.69 -6.81
N VAL C 63 7.27 29.67 -7.58
CA VAL C 63 6.69 28.33 -7.42
C VAL C 63 7.75 27.47 -6.74
N TYR C 64 7.43 27.01 -5.53
CA TYR C 64 8.45 26.42 -4.68
C TYR C 64 7.94 25.07 -4.15
N LYS C 65 8.83 24.08 -4.12
CA LYS C 65 8.49 22.75 -3.60
C LYS C 65 9.12 22.54 -2.22
N GLU C 66 8.30 22.62 -1.17
N GLU C 66 8.29 22.61 -1.19
CA GLU C 66 8.81 22.53 0.20
CA GLU C 66 8.75 22.51 0.18
C GLU C 66 9.26 21.10 0.55
C GLU C 66 9.26 21.10 0.51
N ARG C 67 8.48 20.13 0.11
CA ARG C 67 8.75 18.73 0.39
C ARG C 67 7.79 17.93 -0.47
N VAL C 68 7.94 16.61 -0.45
CA VAL C 68 7.09 15.76 -1.28
C VAL C 68 5.62 16.01 -0.98
N GLY C 69 4.81 16.10 -2.03
CA GLY C 69 3.37 16.30 -1.91
C GLY C 69 2.88 17.68 -1.53
N GLU C 70 3.76 18.68 -1.55
CA GLU C 70 3.38 20.05 -1.17
C GLU C 70 3.93 21.09 -2.12
N TYR C 71 3.03 21.86 -2.73
CA TYR C 71 3.40 22.89 -3.69
C TYR C 71 3.02 24.26 -3.18
N SER C 72 3.94 25.22 -3.29
CA SER C 72 3.67 26.59 -2.81
C SER C 72 3.77 27.60 -3.94
N LEU C 73 2.87 28.59 -3.92
CA LEU C 73 2.95 29.75 -4.80
C LEU C 73 3.13 30.98 -3.94
N TYR C 74 4.14 31.79 -4.27
CA TYR C 74 4.33 33.09 -3.62
C TYR C 74 3.90 34.17 -4.57
N ILE C 75 3.20 35.17 -4.04
CA ILE C 75 2.83 36.37 -4.79
C ILE C 75 3.23 37.56 -3.93
N GLY C 76 4.20 38.34 -4.39
CA GLY C 76 4.65 39.47 -3.59
C GLY C 76 4.99 39.10 -2.15
N ARG C 77 5.75 38.02 -1.99
CA ARG C 77 6.26 37.52 -0.71
C ARG C 77 5.27 36.68 0.11
N HIS C 78 3.98 36.83 -0.15
CA HIS C 78 2.97 36.05 0.54
C HIS C 78 2.83 34.71 -0.15
N LYS C 79 2.42 33.68 0.58
CA LYS C 79 2.39 32.35 -0.01
C LYS C 79 1.14 31.57 0.34
N VAL C 80 0.82 30.62 -0.51
CA VAL C 80 -0.18 29.61 -0.21
C VAL C 80 0.44 28.26 -0.55
N THR C 81 -0.01 27.21 0.13
CA THR C 81 0.53 25.88 -0.12
C THR C 81 -0.63 24.91 -0.20
N SER C 82 -0.59 24.02 -1.19
CA SER C 82 -1.61 23.00 -1.30
C SER C 82 -0.97 21.63 -1.45
N LYS C 83 -1.66 20.60 -0.99
CA LYS C 83 -1.09 19.27 -0.88
C LYS C 83 -1.69 18.33 -1.92
N VAL C 84 -0.92 17.30 -2.25
CA VAL C 84 -1.39 16.30 -3.21
C VAL C 84 -0.75 14.97 -2.87
N ILE C 85 -1.46 13.89 -3.20
CA ILE C 85 -0.86 12.57 -3.15
C ILE C 85 -0.03 12.37 -4.41
N GLU C 86 1.26 12.08 -4.23
N GLU C 86 1.25 12.05 -4.22
CA GLU C 86 2.15 11.84 -5.38
CA GLU C 86 2.14 11.78 -5.34
C GLU C 86 3.21 10.78 -5.05
C GLU C 86 3.06 10.63 -5.03
N LYS C 87 3.64 10.04 -6.07
CA LYS C 87 4.67 9.04 -5.91
C LYS C 87 6.02 9.75 -5.91
N PHE C 88 7.03 9.11 -5.32
CA PHE C 88 8.36 9.68 -5.31
C PHE C 88 9.43 8.62 -5.52
N PRO C 89 10.35 8.86 -6.46
CA PRO C 89 10.40 9.98 -7.41
C PRO C 89 9.40 9.74 -8.51
N ALA C 90 8.91 10.79 -9.15
CA ALA C 90 8.04 10.63 -10.30
C ALA C 90 8.03 11.92 -11.10
N PRO C 91 7.98 11.79 -12.43
CA PRO C 91 7.72 12.99 -13.26
C PRO C 91 6.40 13.61 -12.84
N VAL C 92 6.29 14.92 -12.98
CA VAL C 92 5.04 15.59 -12.66
C VAL C 92 4.75 16.68 -13.68
N HIS C 93 3.47 16.90 -13.97
CA HIS C 93 3.06 18.07 -14.73
C HIS C 93 2.37 19.02 -13.76
N ILE C 94 2.83 20.26 -13.74
CA ILE C 94 2.31 21.25 -12.81
C ILE C 94 1.71 22.44 -13.56
N CYS C 95 0.50 22.83 -13.18
CA CYS C 95 -0.04 24.11 -13.63
C CYS C 95 -0.39 24.91 -12.39
N VAL C 96 -0.12 26.20 -12.42
CA VAL C 96 -0.62 27.05 -11.36
C VAL C 96 -1.16 28.35 -11.95
N SER C 97 -2.32 28.79 -11.49
CA SER C 97 -2.86 30.06 -11.95
C SER C 97 -3.16 30.95 -10.76
N TRP C 98 -3.22 32.25 -11.02
CA TRP C 98 -3.59 33.20 -9.98
C TRP C 98 -4.33 34.36 -10.61
N GLU C 99 -5.32 34.87 -9.89
CA GLU C 99 -6.21 35.89 -10.40
C GLU C 99 -6.31 37.01 -9.36
N SER C 100 -5.82 38.20 -9.69
CA SER C 100 -5.83 39.30 -8.74
C SER C 100 -7.22 39.61 -8.18
N SER C 101 -8.23 39.56 -9.04
CA SER C 101 -9.54 40.07 -8.65
C SER C 101 -10.12 39.28 -7.46
N SER C 102 -9.84 37.97 -7.42
CA SER C 102 -10.31 37.11 -6.35
C SER C 102 -9.20 36.71 -5.38
N GLY C 103 -7.95 36.86 -5.84
CA GLY C 103 -6.79 36.33 -5.14
C GLY C 103 -6.65 34.81 -5.23
N ILE C 104 -7.53 34.15 -5.96
CA ILE C 104 -7.53 32.68 -5.99
C ILE C 104 -6.34 32.10 -6.77
N ALA C 105 -5.65 31.15 -6.14
CA ALA C 105 -4.55 30.40 -6.75
C ALA C 105 -5.01 28.98 -6.97
N GLU C 106 -4.85 28.48 -8.19
CA GLU C 106 -5.25 27.11 -8.51
C GLU C 106 -4.04 26.30 -8.93
N PHE C 107 -3.71 25.27 -8.15
CA PHE C 107 -2.67 24.32 -8.57
C PHE C 107 -3.35 23.12 -9.23
N TRP C 108 -2.77 22.61 -10.31
CA TRP C 108 -3.22 21.37 -10.93
C TRP C 108 -2.00 20.48 -11.07
N ILE C 109 -2.08 19.25 -10.56
CA ILE C 109 -0.94 18.33 -10.59
C ILE C 109 -1.35 17.11 -11.40
N ASN C 110 -0.62 16.84 -12.48
CA ASN C 110 -1.00 15.75 -13.37
C ASN C 110 -2.47 15.79 -13.75
N GLY C 111 -2.95 17.00 -14.02
CA GLY C 111 -4.30 17.21 -14.53
C GLY C 111 -5.37 17.10 -13.46
N THR C 112 -4.94 17.02 -12.20
CA THR C 112 -5.86 16.94 -11.06
C THR C 112 -5.83 18.23 -10.25
N PRO C 113 -7.00 18.80 -9.96
CA PRO C 113 -6.99 20.07 -9.22
C PRO C 113 -6.70 19.88 -7.73
N LEU C 114 -5.81 20.70 -7.19
CA LEU C 114 -5.63 20.76 -5.75
C LEU C 114 -6.67 21.70 -5.15
N VAL C 115 -6.73 21.76 -3.83
CA VAL C 115 -7.63 22.69 -3.17
C VAL C 115 -7.23 24.15 -3.49
N LYS C 116 -8.20 24.94 -3.93
CA LYS C 116 -7.95 26.37 -4.17
C LYS C 116 -7.57 27.07 -2.87
N LYS C 117 -6.62 28.00 -2.97
CA LYS C 117 -6.26 28.87 -1.84
C LYS C 117 -6.30 30.29 -2.36
N GLY C 118 -6.11 31.28 -1.49
CA GLY C 118 -6.23 32.65 -1.93
C GLY C 118 -5.26 33.58 -1.24
N LEU C 119 -4.76 34.55 -1.98
CA LEU C 119 -3.78 35.50 -1.44
C LEU C 119 -3.69 36.75 -2.31
N ARG C 120 -3.35 37.87 -1.69
CA ARG C 120 -3.02 39.10 -2.42
C ARG C 120 -4.12 39.57 -3.37
N GLN C 121 -5.38 39.44 -2.94
CA GLN C 121 -6.50 39.95 -3.74
C GLN C 121 -6.27 41.44 -3.98
N GLY C 122 -6.36 41.86 -5.24
CA GLY C 122 -6.22 43.26 -5.60
C GLY C 122 -4.81 43.64 -6.00
N TYR C 123 -3.85 42.77 -5.70
CA TYR C 123 -2.44 43.02 -6.00
C TYR C 123 -2.14 42.85 -7.48
N PHE C 124 -1.14 43.57 -7.98
CA PHE C 124 -0.63 43.36 -9.33
C PHE C 124 0.82 42.88 -9.24
N VAL C 125 1.13 41.75 -9.88
CA VAL C 125 2.50 41.25 -9.91
C VAL C 125 3.35 42.22 -10.74
N GLU C 126 4.46 42.68 -10.18
N GLU C 126 4.47 42.67 -10.18
CA GLU C 126 5.23 43.73 -10.84
CA GLU C 126 5.26 43.70 -10.84
C GLU C 126 5.94 43.25 -12.10
C GLU C 126 5.82 43.23 -12.17
N ALA C 127 6.12 44.18 -13.05
CA ALA C 127 6.66 43.90 -14.36
C ALA C 127 8.20 43.96 -14.41
N GLN C 128 8.74 43.80 -15.61
CA GLN C 128 10.18 43.77 -15.85
C GLN C 128 10.90 42.76 -14.96
N PRO C 129 10.51 41.48 -15.05
CA PRO C 129 11.09 40.51 -14.13
C PRO C 129 12.42 39.95 -14.61
N LYS C 130 13.14 39.34 -13.70
CA LYS C 130 14.15 38.35 -14.06
C LYS C 130 13.55 37.01 -13.66
N ILE C 131 13.53 36.09 -14.62
CA ILE C 131 12.91 34.78 -14.43
C ILE C 131 13.98 33.72 -14.54
N VAL C 132 14.05 32.86 -13.54
CA VAL C 132 15.16 31.90 -13.46
C VAL C 132 14.64 30.49 -13.19
N LEU C 133 15.16 29.53 -13.97
CA LEU C 133 15.01 28.11 -13.66
C LEU C 133 16.32 27.58 -13.11
N GLY C 134 16.24 26.67 -12.13
CA GLY C 134 17.43 26.00 -11.65
C GLY C 134 17.94 26.54 -10.34
N GLN C 135 17.61 27.80 -10.05
CA GLN C 135 18.03 28.43 -8.79
C GLN C 135 16.91 29.31 -8.27
N GLU C 136 16.93 29.59 -6.98
CA GLU C 136 15.98 30.47 -6.37
C GLU C 136 16.67 31.83 -6.20
N GLN C 137 16.09 32.88 -6.76
CA GLN C 137 16.72 34.21 -6.62
C GLN C 137 16.41 34.83 -5.28
N ASP C 138 17.41 35.51 -4.69
CA ASP C 138 17.18 36.42 -3.56
C ASP C 138 17.47 37.88 -3.93
N SER C 139 17.90 38.10 -5.17
CA SER C 139 18.11 39.46 -5.68
C SER C 139 17.51 39.58 -7.08
N TYR C 140 17.73 40.72 -7.73
CA TYR C 140 17.20 40.90 -9.08
C TYR C 140 18.14 40.19 -10.04
N GLY C 141 17.95 38.88 -10.17
CA GLY C 141 18.73 38.09 -11.09
C GLY C 141 19.76 37.16 -10.46
N GLY C 142 19.92 37.23 -9.14
CA GLY C 142 21.00 36.49 -8.50
C GLY C 142 20.78 36.15 -7.04
N LYS C 143 21.87 36.08 -6.28
CA LYS C 143 21.86 35.68 -4.87
C LYS C 143 21.20 34.32 -4.71
N PHE C 144 21.76 33.33 -5.40
CA PHE C 144 21.25 31.97 -5.40
C PHE C 144 21.67 31.25 -4.12
N ASP C 145 21.04 30.10 -3.87
CA ASP C 145 21.27 29.30 -2.67
C ASP C 145 21.33 27.83 -3.06
N ARG C 146 22.49 27.21 -2.90
CA ARG C 146 22.70 25.81 -3.29
C ARG C 146 21.62 24.88 -2.72
N SER C 147 21.17 25.18 -1.51
CA SER C 147 20.20 24.33 -0.84
C SER C 147 18.78 24.46 -1.38
N GLN C 148 18.59 25.37 -2.33
CA GLN C 148 17.29 25.58 -2.97
C GLN C 148 17.37 25.32 -4.47
N SER C 149 18.55 24.89 -4.92
CA SER C 149 18.78 24.63 -6.36
C SER C 149 17.93 23.47 -6.85
N PHE C 150 17.50 23.54 -8.11
CA PHE C 150 16.75 22.44 -8.70
C PHE C 150 17.73 21.54 -9.46
N VAL C 151 17.72 20.26 -9.12
CA VAL C 151 18.50 19.24 -9.81
C VAL C 151 17.51 18.30 -10.47
N GLY C 152 17.67 18.10 -11.77
CA GLY C 152 16.71 17.31 -12.51
C GLY C 152 16.36 17.97 -13.82
N GLU C 153 15.16 17.69 -14.32
CA GLU C 153 14.80 18.06 -15.67
C GLU C 153 13.50 18.85 -15.71
N ILE C 154 13.47 19.90 -16.54
CA ILE C 154 12.24 20.67 -16.74
C ILE C 154 11.97 20.81 -18.22
N GLY C 155 10.70 20.64 -18.59
CA GLY C 155 10.32 20.84 -19.99
C GLY C 155 8.90 21.35 -20.12
N ASP C 156 8.46 21.54 -21.36
CA ASP C 156 7.08 21.90 -21.65
C ASP C 156 6.56 23.06 -20.80
N LEU C 157 7.36 24.11 -20.71
CA LEU C 157 6.99 25.27 -19.90
C LEU C 157 6.27 26.35 -20.71
N TYR C 158 5.09 26.74 -20.25
CA TYR C 158 4.28 27.76 -20.90
C TYR C 158 3.70 28.70 -19.86
N MET C 159 3.54 29.96 -20.23
CA MET C 159 2.93 30.94 -19.33
C MET C 159 2.00 31.86 -20.11
N TRP C 160 0.79 32.01 -19.58
CA TRP C 160 -0.28 32.78 -20.19
C TRP C 160 -0.64 33.96 -19.28
N ASP C 161 -1.11 35.07 -19.87
CA ASP C 161 -1.54 36.22 -19.06
C ASP C 161 -3.04 36.14 -18.70
N SER C 162 -3.55 34.92 -18.58
CA SER C 162 -4.93 34.72 -18.18
C SER C 162 -5.02 33.44 -17.35
N VAL C 163 -6.17 33.24 -16.72
CA VAL C 163 -6.41 32.03 -15.93
C VAL C 163 -7.03 30.97 -16.84
N LEU C 164 -6.28 29.89 -17.06
CA LEU C 164 -6.78 28.82 -17.91
C LEU C 164 -7.95 28.08 -17.25
N PRO C 165 -9.01 27.82 -18.03
CA PRO C 165 -10.08 26.94 -17.57
C PRO C 165 -9.63 25.49 -17.55
N PRO C 166 -10.34 24.63 -16.80
CA PRO C 166 -9.91 23.24 -16.62
C PRO C 166 -9.57 22.50 -17.91
N GLU C 167 -10.40 22.64 -18.94
CA GLU C 167 -10.13 21.86 -20.15
C GLU C 167 -8.88 22.33 -20.90
N ASN C 168 -8.45 23.57 -20.67
CA ASN C 168 -7.19 24.04 -21.26
C ASN C 168 -5.97 23.58 -20.48
N ILE C 169 -6.14 23.43 -19.17
N ILE C 169 -6.14 23.46 -19.16
CA ILE C 169 -5.08 22.84 -18.36
CA ILE C 169 -5.13 22.85 -18.32
C ILE C 169 -4.90 21.39 -18.76
C ILE C 169 -4.91 21.42 -18.78
N LEU C 170 -6.01 20.69 -18.99
CA LEU C 170 -5.94 19.32 -19.43
C LEU C 170 -5.24 19.19 -20.77
N SER C 171 -5.52 20.11 -21.68
CA SER C 171 -4.86 20.08 -22.97
C SER C 171 -3.33 20.22 -22.81
N ALA C 172 -2.89 21.14 -21.95
CA ALA C 172 -1.46 21.28 -21.67
C ALA C 172 -0.86 19.99 -21.07
N TYR C 173 -1.58 19.41 -20.12
CA TYR C 173 -1.13 18.17 -19.46
C TYR C 173 -0.95 17.08 -20.52
N GLN C 174 -1.84 17.04 -21.49
CA GLN C 174 -1.78 16.02 -22.53
C GLN C 174 -0.74 16.32 -23.61
N GLY C 175 -0.06 17.45 -23.51
CA GLY C 175 0.99 17.80 -24.45
C GLY C 175 0.54 18.66 -25.62
N THR C 176 -0.65 19.23 -25.51
CA THR C 176 -1.17 20.12 -26.53
C THR C 176 -1.66 21.45 -25.92
N PRO C 177 -0.72 22.25 -25.40
CA PRO C 177 -1.06 23.52 -24.75
C PRO C 177 -1.68 24.49 -25.74
N LEU C 178 -2.65 25.28 -25.29
CA LEU C 178 -3.20 26.37 -26.09
C LEU C 178 -2.15 27.46 -26.20
N PRO C 179 -2.26 28.31 -27.22
CA PRO C 179 -1.25 29.35 -27.48
C PRO C 179 -0.95 30.17 -26.23
N ALA C 180 0.34 30.32 -25.92
CA ALA C 180 0.78 31.02 -24.72
C ALA C 180 1.51 32.31 -25.07
N ASN C 181 1.22 33.38 -24.35
CA ASN C 181 1.69 34.71 -24.73
C ASN C 181 2.74 35.38 -23.83
N ILE C 182 3.10 34.72 -22.71
CA ILE C 182 4.17 35.26 -21.87
C ILE C 182 5.45 34.44 -22.03
N LEU C 183 5.35 33.12 -21.89
CA LEU C 183 6.48 32.22 -22.16
C LEU C 183 5.96 31.05 -22.95
N ASP C 184 6.76 30.58 -23.91
CA ASP C 184 6.31 29.56 -24.87
C ASP C 184 7.47 28.62 -25.17
N TRP C 185 7.37 27.36 -24.73
CA TRP C 185 8.42 26.36 -24.92
C TRP C 185 8.77 26.18 -26.39
N GLN C 186 7.78 26.45 -27.26
CA GLN C 186 7.99 26.29 -28.70
C GLN C 186 8.63 27.53 -29.38
N ALA C 187 8.81 28.60 -28.63
CA ALA C 187 9.55 29.77 -29.11
C ALA C 187 10.10 30.51 -27.91
N LEU C 188 11.11 29.90 -27.29
CA LEU C 188 11.59 30.33 -25.99
C LEU C 188 12.88 31.10 -26.13
N ASN C 189 12.92 32.27 -25.48
CA ASN C 189 14.12 33.09 -25.48
C ASN C 189 14.79 32.88 -24.13
N TYR C 190 15.97 32.28 -24.14
CA TYR C 190 16.61 31.92 -22.88
C TYR C 190 18.13 32.06 -22.92
N GLU C 191 18.73 31.99 -21.73
CA GLU C 191 20.17 32.03 -21.57
C GLU C 191 20.60 30.94 -20.61
N ILE C 192 21.41 30.00 -21.10
CA ILE C 192 22.00 29.00 -20.21
C ILE C 192 23.25 29.56 -19.53
N ARG C 193 23.34 29.38 -18.22
CA ARG C 193 24.52 29.79 -17.47
C ARG C 193 24.99 28.61 -16.64
N GLY C 194 26.29 28.37 -16.65
CA GLY C 194 26.81 27.22 -15.92
C GLY C 194 26.47 25.91 -16.60
N TYR C 195 26.31 24.85 -15.81
CA TYR C 195 26.11 23.48 -16.34
C TYR C 195 24.63 23.16 -16.51
N VAL C 196 24.10 23.46 -17.68
CA VAL C 196 22.73 23.06 -18.02
C VAL C 196 22.79 22.47 -19.43
N ILE C 197 22.20 21.28 -19.60
CA ILE C 197 22.30 20.57 -20.88
C ILE C 197 20.91 20.36 -21.47
N ILE C 198 20.76 20.66 -22.75
CA ILE C 198 19.49 20.35 -23.42
C ILE C 198 19.50 18.92 -23.95
N LYS C 199 18.47 18.16 -23.59
CA LYS C 199 18.35 16.77 -24.02
C LYS C 199 16.92 16.47 -24.45
N PRO C 200 16.75 15.39 -25.21
CA PRO C 200 15.39 14.95 -25.54
C PRO C 200 14.63 14.64 -24.26
N LEU C 201 13.33 14.92 -24.27
CA LEU C 201 12.43 14.50 -23.20
C LEU C 201 12.13 13.01 -23.39
N VAL C 202 12.55 12.16 -22.46
CA VAL C 202 12.33 10.72 -22.63
C VAL C 202 11.35 10.12 -21.63
N TRP C 203 10.84 10.96 -20.73
CA TRP C 203 10.01 10.46 -19.64
C TRP C 203 8.53 10.78 -19.78
N VAL C 204 8.16 11.46 -20.85
CA VAL C 204 6.76 11.56 -21.22
C VAL C 204 6.44 10.49 -22.27
N HIS D 1 34.93 -17.58 -27.31
CA HIS D 1 33.77 -16.84 -26.86
C HIS D 1 32.54 -17.73 -26.85
N THR D 2 31.61 -17.41 -25.95
CA THR D 2 30.51 -18.31 -25.63
C THR D 2 29.20 -17.56 -25.79
N ASP D 3 28.18 -18.24 -26.30
CA ASP D 3 26.85 -17.66 -26.41
C ASP D 3 26.07 -18.02 -25.15
N LEU D 4 25.84 -17.04 -24.29
CA LEU D 4 25.14 -17.30 -23.03
C LEU D 4 23.65 -16.98 -23.11
N SER D 5 23.11 -16.87 -24.33
CA SER D 5 21.66 -16.65 -24.49
C SER D 5 20.87 -17.59 -23.61
N GLY D 6 19.94 -17.04 -22.84
CA GLY D 6 19.06 -17.84 -22.02
C GLY D 6 19.70 -18.35 -20.73
N LYS D 7 20.91 -17.88 -20.44
CA LYS D 7 21.64 -18.31 -19.26
C LYS D 7 22.09 -17.15 -18.40
N VAL D 8 22.38 -17.42 -17.13
CA VAL D 8 22.87 -16.41 -16.20
C VAL D 8 24.12 -16.90 -15.50
N PHE D 9 24.94 -15.97 -15.02
CA PHE D 9 25.93 -16.32 -14.00
C PHE D 9 25.25 -16.29 -12.64
N VAL D 10 25.44 -17.36 -11.87
CA VAL D 10 24.97 -17.38 -10.50
C VAL D 10 26.15 -17.26 -9.55
N PHE D 11 26.15 -16.21 -8.74
CA PHE D 11 27.12 -16.03 -7.67
C PHE D 11 26.39 -16.50 -6.40
N PRO D 12 26.55 -17.78 -6.04
CA PRO D 12 25.60 -18.40 -5.10
C PRO D 12 25.85 -18.11 -3.63
N ARG D 13 26.92 -17.38 -3.31
CA ARG D 13 27.25 -17.12 -1.92
C ARG D 13 28.08 -15.85 -1.81
N GLU D 14 28.09 -15.28 -0.61
CA GLU D 14 28.96 -14.16 -0.30
C GLU D 14 30.38 -14.67 -0.14
N SER D 15 31.34 -13.91 -0.68
CA SER D 15 32.75 -14.28 -0.64
C SER D 15 33.58 -13.09 -1.03
N VAL D 16 34.90 -13.24 -0.92
CA VAL D 16 35.84 -12.29 -1.48
C VAL D 16 36.58 -12.95 -2.65
N THR D 17 36.18 -14.16 -2.99
CA THR D 17 36.88 -14.98 -3.99
C THR D 17 36.15 -15.14 -5.33
N ASP D 18 34.83 -15.23 -5.27
CA ASP D 18 34.05 -15.60 -6.45
C ASP D 18 33.84 -14.41 -7.38
N HIS D 19 34.23 -14.57 -8.64
CA HIS D 19 34.07 -13.51 -9.62
C HIS D 19 34.18 -13.99 -11.06
N VAL D 20 33.73 -13.16 -11.99
CA VAL D 20 33.92 -13.41 -13.39
C VAL D 20 34.69 -12.24 -13.98
N ASN D 21 35.74 -12.56 -14.75
CA ASN D 21 36.47 -11.55 -15.52
C ASN D 21 35.89 -11.49 -16.92
N LEU D 22 35.57 -10.28 -17.38
CA LEU D 22 35.05 -10.09 -18.73
C LEU D 22 36.15 -9.52 -19.57
N ILE D 23 36.39 -10.13 -20.73
CA ILE D 23 37.52 -9.78 -21.58
C ILE D 23 37.07 -9.06 -22.84
N THR D 24 37.61 -7.87 -23.06
CA THR D 24 37.30 -7.09 -24.24
C THR D 24 38.59 -6.44 -24.73
N PRO D 25 38.81 -6.45 -26.05
CA PRO D 25 40.02 -5.84 -26.61
C PRO D 25 39.83 -4.34 -26.76
N LEU D 26 39.61 -3.67 -25.64
CA LEU D 26 39.34 -2.24 -25.65
C LEU D 26 40.65 -1.46 -25.56
N GLU D 27 41.08 -0.94 -26.70
CA GLU D 27 42.39 -0.29 -26.80
C GLU D 27 42.31 1.23 -26.78
N LYS D 28 41.18 1.78 -27.21
CA LYS D 28 41.04 3.23 -27.22
C LYS D 28 40.09 3.71 -26.13
N PRO D 29 40.43 4.84 -25.51
CA PRO D 29 39.59 5.44 -24.47
C PRO D 29 38.16 5.62 -24.95
N LEU D 30 37.21 5.46 -24.02
CA LEU D 30 35.78 5.54 -24.30
C LEU D 30 35.27 6.96 -24.08
N GLN D 31 34.59 7.51 -25.09
CA GLN D 31 33.96 8.81 -24.97
C GLN D 31 32.49 8.64 -24.62
N ASN D 32 31.90 7.56 -25.14
CA ASN D 32 30.48 7.27 -24.94
C ASN D 32 30.28 5.78 -24.69
N PHE D 33 29.30 5.42 -23.87
CA PHE D 33 28.97 4.01 -23.76
C PHE D 33 27.56 3.81 -23.24
N THR D 34 27.03 2.61 -23.48
CA THR D 34 25.82 2.17 -22.83
C THR D 34 26.07 0.75 -22.32
N LEU D 35 25.64 0.47 -21.10
CA LEU D 35 25.77 -0.87 -20.52
C LEU D 35 24.39 -1.32 -20.04
N CYS D 36 23.94 -2.49 -20.51
CA CYS D 36 22.66 -3.06 -20.06
C CYS D 36 22.89 -4.47 -19.52
N PHE D 37 22.11 -4.86 -18.51
CA PHE D 37 22.14 -6.23 -17.99
C PHE D 37 20.92 -6.46 -17.10
N ARG D 38 20.65 -7.72 -16.81
CA ARG D 38 19.57 -8.10 -15.88
C ARG D 38 20.19 -8.67 -14.62
N ALA D 39 19.62 -8.35 -13.47
CA ALA D 39 20.15 -8.89 -12.23
C ALA D 39 19.03 -9.27 -11.29
N TYR D 40 19.31 -10.25 -10.44
CA TYR D 40 18.33 -10.68 -9.43
C TYR D 40 19.10 -10.99 -8.15
N SER D 41 18.86 -10.19 -7.12
CA SER D 41 19.61 -10.37 -5.87
C SER D 41 18.68 -10.03 -4.72
N ASP D 42 18.82 -10.72 -3.60
CA ASP D 42 18.06 -10.33 -2.41
C ASP D 42 18.97 -9.74 -1.32
N LEU D 43 20.12 -9.24 -1.73
CA LEU D 43 20.96 -8.50 -0.79
C LEU D 43 20.33 -7.15 -0.44
N SER D 44 20.38 -6.77 0.83
CA SER D 44 19.97 -5.42 1.25
C SER D 44 21.16 -4.47 1.39
N ARG D 45 22.33 -5.02 1.67
CA ARG D 45 23.53 -4.20 1.79
C ARG D 45 23.95 -3.70 0.42
N ALA D 46 24.93 -2.80 0.41
CA ALA D 46 25.51 -2.29 -0.84
C ALA D 46 26.24 -3.40 -1.59
N TYR D 47 26.29 -3.27 -2.91
CA TYR D 47 27.08 -4.19 -3.72
C TYR D 47 27.40 -3.62 -5.10
N SER D 48 28.49 -4.09 -5.67
CA SER D 48 28.90 -3.73 -7.02
C SER D 48 28.20 -4.59 -8.07
N LEU D 49 27.65 -3.96 -9.10
CA LEU D 49 27.08 -4.72 -10.22
C LEU D 49 28.07 -4.90 -11.37
N PHE D 50 28.91 -3.89 -11.63
CA PHE D 50 29.82 -3.94 -12.78
C PHE D 50 31.00 -3.08 -12.42
N SER D 51 32.18 -3.70 -12.35
CA SER D 51 33.38 -3.02 -11.88
C SER D 51 34.45 -2.97 -12.97
N TYR D 52 34.83 -1.76 -13.39
CA TYR D 52 35.78 -1.56 -14.50
C TYR D 52 36.88 -0.65 -13.98
N ASN D 53 38.08 -1.21 -13.84
CA ASN D 53 39.24 -0.47 -13.34
C ASN D 53 40.35 -0.48 -14.39
N THR D 54 41.20 0.54 -14.40
CA THR D 54 42.35 0.53 -15.30
C THR D 54 43.62 0.74 -14.49
N GLN D 55 44.76 0.60 -15.13
CA GLN D 55 46.03 0.68 -14.40
C GLN D 55 46.15 2.02 -13.66
N GLY D 56 46.24 1.96 -12.33
CA GLY D 56 46.35 3.15 -11.50
C GLY D 56 45.07 3.92 -11.24
N ARG D 57 43.94 3.40 -11.73
CA ARG D 57 42.68 4.13 -11.62
C ARG D 57 41.55 3.26 -11.09
N ASP D 58 41.11 3.57 -9.88
CA ASP D 58 39.98 2.86 -9.26
C ASP D 58 38.66 3.46 -9.69
N ASN D 59 37.64 2.62 -9.78
CA ASN D 59 36.29 3.09 -10.09
C ASN D 59 36.28 3.93 -11.36
N GLU D 60 37.00 3.44 -12.37
CA GLU D 60 37.09 4.14 -13.65
C GLU D 60 35.71 4.12 -14.31
N LEU D 61 35.01 3.00 -14.18
CA LEU D 61 33.61 2.91 -14.59
C LEU D 61 33.00 1.89 -13.65
N LEU D 62 32.13 2.35 -12.75
CA LEU D 62 31.54 1.45 -11.77
C LEU D 62 30.03 1.68 -11.64
N VAL D 63 29.27 0.59 -11.72
CA VAL D 63 27.83 0.63 -11.47
C VAL D 63 27.63 -0.05 -10.13
N TYR D 64 27.09 0.69 -9.17
CA TYR D 64 27.10 0.28 -7.77
C TYR D 64 25.72 0.49 -7.19
N LYS D 65 25.24 -0.46 -6.39
CA LYS D 65 23.95 -0.34 -5.75
C LYS D 65 24.12 -0.07 -4.25
N GLU D 66 23.85 1.18 -3.88
N GLU D 66 23.93 1.16 -3.79
CA GLU D 66 24.02 1.71 -2.53
CA GLU D 66 24.20 1.41 -2.37
C GLU D 66 23.08 1.05 -1.54
C GLU D 66 23.08 0.88 -1.48
N ARG D 67 21.84 0.93 -1.96
CA ARG D 67 20.73 0.43 -1.18
C ARG D 67 19.53 0.31 -2.11
N VAL D 68 18.46 -0.32 -1.64
N VAL D 68 18.46 -0.32 -1.64
CA VAL D 68 17.25 -0.43 -2.45
CA VAL D 68 17.25 -0.45 -2.45
C VAL D 68 16.86 0.92 -3.00
C VAL D 68 16.82 0.91 -2.99
N GLY D 69 16.47 0.93 -4.26
CA GLY D 69 15.95 2.14 -4.90
C GLY D 69 16.97 3.18 -5.30
N GLU D 70 18.26 2.88 -5.20
CA GLU D 70 19.30 3.86 -5.51
C GLU D 70 20.44 3.25 -6.32
N TYR D 71 20.67 3.82 -7.49
CA TYR D 71 21.70 3.33 -8.41
C TYR D 71 22.77 4.40 -8.61
N SER D 72 24.05 4.01 -8.52
CA SER D 72 25.14 4.94 -8.73
C SER D 72 26.00 4.55 -9.91
N LEU D 73 26.50 5.55 -10.61
CA LEU D 73 27.50 5.35 -11.66
C LEU D 73 28.73 6.15 -11.25
N TYR D 74 29.89 5.50 -11.27
CA TYR D 74 31.16 6.21 -11.16
C TYR D 74 31.83 6.30 -12.51
N ILE D 75 32.38 7.48 -12.81
CA ILE D 75 33.22 7.67 -13.98
C ILE D 75 34.50 8.32 -13.48
N GLY D 76 35.63 7.67 -13.68
CA GLY D 76 36.90 8.19 -13.17
C GLY D 76 36.84 8.65 -11.72
N ARG D 77 36.28 7.79 -10.86
CA ARG D 77 36.17 8.05 -9.42
C ARG D 77 35.07 9.01 -8.98
N HIS D 78 34.54 9.81 -9.91
CA HIS D 78 33.44 10.73 -9.61
C HIS D 78 32.14 9.94 -9.65
N LYS D 79 31.14 10.36 -8.87
CA LYS D 79 29.90 9.60 -8.85
C LYS D 79 28.64 10.43 -8.97
N VAL D 80 27.63 9.80 -9.56
CA VAL D 80 26.27 10.30 -9.51
C VAL D 80 25.34 9.18 -9.05
N THR D 81 24.19 9.55 -8.50
CA THR D 81 23.23 8.60 -7.97
C THR D 81 21.83 9.07 -8.32
N SER D 82 20.99 8.15 -8.80
CA SER D 82 19.59 8.47 -9.04
C SER D 82 18.68 7.41 -8.41
N LYS D 83 17.46 7.84 -8.08
CA LYS D 83 16.55 7.02 -7.30
C LYS D 83 15.41 6.48 -8.12
N VAL D 84 14.84 5.36 -7.68
CA VAL D 84 13.69 4.81 -8.38
C VAL D 84 12.83 4.04 -7.39
N ILE D 85 11.54 3.97 -7.69
CA ILE D 85 10.62 3.11 -6.97
C ILE D 85 10.80 1.69 -7.48
N GLU D 86 11.15 0.76 -6.59
CA GLU D 86 11.26 -0.65 -7.00
C GLU D 86 10.82 -1.57 -5.85
N LYS D 87 10.35 -2.76 -6.22
CA LYS D 87 10.00 -3.77 -5.24
C LYS D 87 11.27 -4.46 -4.77
N PHE D 88 11.21 -5.05 -3.58
CA PHE D 88 12.35 -5.81 -3.09
C PHE D 88 11.92 -7.07 -2.32
N PRO D 89 12.51 -8.22 -2.66
CA PRO D 89 13.44 -8.40 -3.78
C PRO D 89 12.68 -8.49 -5.09
N ALA D 90 13.36 -8.18 -6.19
CA ALA D 90 12.75 -8.30 -7.51
C ALA D 90 13.82 -8.32 -8.58
N PRO D 91 13.60 -9.11 -9.64
CA PRO D 91 14.49 -9.04 -10.80
C PRO D 91 14.46 -7.63 -11.34
N VAL D 92 15.57 -7.18 -11.90
CA VAL D 92 15.63 -5.85 -12.48
C VAL D 92 16.37 -5.88 -13.81
N HIS D 93 15.97 -5.00 -14.73
CA HIS D 93 16.77 -4.75 -15.93
C HIS D 93 17.33 -3.34 -15.80
N ILE D 94 18.65 -3.23 -15.99
CA ILE D 94 19.33 -1.95 -15.83
C ILE D 94 20.08 -1.60 -17.11
N CYS D 95 19.89 -0.37 -17.57
CA CYS D 95 20.76 0.19 -18.59
C CYS D 95 21.31 1.49 -18.03
N VAL D 96 22.57 1.75 -18.29
CA VAL D 96 23.13 3.05 -17.95
C VAL D 96 24.00 3.50 -19.12
N SER D 97 23.84 4.75 -19.52
CA SER D 97 24.71 5.32 -20.55
C SER D 97 25.41 6.56 -20.02
N TRP D 98 26.51 6.92 -20.66
CA TRP D 98 27.22 8.14 -20.30
C TRP D 98 27.86 8.71 -21.56
N GLU D 99 27.88 10.03 -21.65
CA GLU D 99 28.33 10.72 -22.85
C GLU D 99 29.30 11.80 -22.41
N SER D 100 30.58 11.66 -22.79
CA SER D 100 31.58 12.63 -22.39
C SER D 100 31.24 14.07 -22.74
N SER D 101 30.70 14.30 -23.93
CA SER D 101 30.57 15.68 -24.41
C SER D 101 29.65 16.51 -23.51
N SER D 102 28.66 15.86 -22.91
CA SER D 102 27.72 16.55 -22.03
C SER D 102 27.93 16.19 -20.55
N GLY D 103 28.59 15.06 -20.32
CA GLY D 103 28.70 14.49 -18.97
C GLY D 103 27.46 13.76 -18.50
N ILE D 104 26.44 13.66 -19.35
CA ILE D 104 25.14 13.14 -18.92
C ILE D 104 25.13 11.63 -18.76
N ALA D 105 24.65 11.18 -17.60
CA ALA D 105 24.45 9.76 -17.31
C ALA D 105 22.96 9.50 -17.28
N GLU D 106 22.51 8.48 -18.02
CA GLU D 106 21.10 8.09 -18.05
C GLU D 106 20.94 6.68 -17.52
N PHE D 107 20.26 6.52 -16.39
CA PHE D 107 19.86 5.19 -15.94
C PHE D 107 18.45 4.87 -16.43
N TRP D 108 18.25 3.63 -16.84
CA TRP D 108 16.91 3.11 -17.16
C TRP D 108 16.71 1.85 -16.34
N ILE D 109 15.62 1.80 -15.58
CA ILE D 109 15.34 0.65 -14.72
C ILE D 109 14.02 0.03 -15.17
N ASN D 110 14.07 -1.23 -15.60
CA ASN D 110 12.89 -1.89 -16.17
C ASN D 110 12.22 -1.04 -17.23
N GLY D 111 13.05 -0.43 -18.08
CA GLY D 111 12.55 0.34 -19.20
C GLY D 111 12.06 1.74 -18.85
N THR D 112 12.20 2.12 -17.58
CA THR D 112 11.77 3.46 -17.17
C THR D 112 12.99 4.34 -16.87
N PRO D 113 13.00 5.55 -17.43
CA PRO D 113 14.16 6.42 -17.25
C PRO D 113 14.18 7.04 -15.86
N LEU D 114 15.35 7.04 -15.22
CA LEU D 114 15.55 7.80 -13.99
C LEU D 114 15.93 9.24 -14.37
N VAL D 115 15.99 10.10 -13.36
CA VAL D 115 16.42 11.48 -13.57
C VAL D 115 17.87 11.48 -14.05
N LYS D 116 18.14 12.23 -15.12
CA LYS D 116 19.52 12.38 -15.61
C LYS D 116 20.40 13.11 -14.60
N LYS D 117 21.65 12.70 -14.51
CA LYS D 117 22.63 13.43 -13.73
C LYS D 117 23.86 13.63 -14.61
N GLY D 118 24.81 14.44 -14.15
CA GLY D 118 25.94 14.76 -14.99
C GLY D 118 27.26 14.76 -14.23
N LEU D 119 28.28 14.21 -14.86
CA LEU D 119 29.63 14.14 -14.26
C LEU D 119 30.70 13.99 -15.35
N ARG D 120 31.91 14.44 -15.02
CA ARG D 120 33.11 14.23 -15.85
C ARG D 120 32.94 14.66 -17.30
N GLN D 121 32.22 15.76 -17.51
CA GLN D 121 32.09 16.29 -18.87
C GLN D 121 33.49 16.53 -19.44
N GLY D 122 33.71 16.03 -20.66
CA GLY D 122 34.98 16.20 -21.34
C GLY D 122 36.01 15.13 -21.06
N TYR D 123 35.73 14.28 -20.09
CA TYR D 123 36.62 13.18 -19.70
C TYR D 123 36.56 12.01 -20.68
N PHE D 124 37.64 11.25 -20.79
CA PHE D 124 37.63 9.99 -21.53
C PHE D 124 37.88 8.83 -20.57
N VAL D 125 36.99 7.84 -20.58
CA VAL D 125 37.18 6.65 -19.78
C VAL D 125 38.37 5.88 -20.34
N GLU D 126 39.34 5.57 -19.48
N GLU D 126 39.34 5.57 -19.48
CA GLU D 126 40.56 4.93 -19.94
CA GLU D 126 40.59 5.00 -19.96
C GLU D 126 40.35 3.55 -20.54
C GLU D 126 40.45 3.54 -20.44
N ALA D 127 41.29 3.15 -21.40
CA ALA D 127 41.23 1.83 -22.01
C ALA D 127 42.04 0.77 -21.25
N GLN D 128 42.13 -0.41 -21.85
CA GLN D 128 42.77 -1.59 -21.25
C GLN D 128 42.26 -1.88 -19.84
N PRO D 129 40.94 -2.04 -19.71
CA PRO D 129 40.36 -2.28 -18.37
C PRO D 129 40.52 -3.72 -17.90
N LYS D 130 40.36 -3.91 -16.60
CA LYS D 130 39.98 -5.20 -16.05
C LYS D 130 38.52 -5.00 -15.66
N ILE D 131 37.67 -5.90 -16.14
CA ILE D 131 36.25 -5.80 -15.90
C ILE D 131 35.80 -7.02 -15.09
N VAL D 132 35.17 -6.78 -13.96
CA VAL D 132 34.82 -7.85 -13.03
C VAL D 132 33.34 -7.81 -12.67
N LEU D 133 32.71 -8.99 -12.71
CA LEU D 133 31.40 -9.20 -12.11
C LEU D 133 31.56 -10.01 -10.84
N GLY D 134 30.73 -9.70 -9.85
CA GLY D 134 30.70 -10.46 -8.61
C GLY D 134 31.50 -9.85 -7.47
N GLN D 135 32.47 -9.02 -7.81
CA GLN D 135 33.29 -8.33 -6.82
C GLN D 135 33.55 -6.89 -7.29
N GLU D 136 33.88 -6.02 -6.34
CA GLU D 136 34.23 -4.64 -6.62
C GLU D 136 35.75 -4.56 -6.56
N GLN D 137 36.39 -4.09 -7.61
CA GLN D 137 37.87 -3.97 -7.60
C GLN D 137 38.33 -2.71 -6.90
N ASP D 138 39.41 -2.79 -6.11
CA ASP D 138 40.13 -1.60 -5.66
C ASP D 138 41.53 -1.53 -6.24
N SER D 139 41.95 -2.59 -6.91
CA SER D 139 43.21 -2.56 -7.64
C SER D 139 42.95 -2.90 -9.11
N TYR D 140 44.01 -3.04 -9.90
CA TYR D 140 43.84 -3.41 -11.29
C TYR D 140 43.63 -4.91 -11.36
N GLY D 141 42.36 -5.31 -11.25
CA GLY D 141 41.98 -6.71 -11.31
C GLY D 141 41.73 -7.35 -9.96
N GLY D 142 41.89 -6.61 -8.86
CA GLY D 142 41.79 -7.26 -7.57
C GLY D 142 41.42 -6.37 -6.40
N LYS D 143 41.96 -6.72 -5.23
CA LYS D 143 41.66 -6.07 -3.97
C LYS D 143 40.15 -5.98 -3.74
N PHE D 144 39.52 -7.15 -3.71
CA PHE D 144 38.07 -7.28 -3.51
C PHE D 144 37.67 -7.05 -2.05
N ASP D 145 36.36 -6.87 -1.84
CA ASP D 145 35.81 -6.58 -0.52
C ASP D 145 34.51 -7.37 -0.34
N ARG D 146 34.53 -8.32 0.58
CA ARG D 146 33.38 -9.20 0.82
C ARG D 146 32.05 -8.44 0.98
N SER D 147 32.10 -7.29 1.61
CA SER D 147 30.91 -6.52 1.92
C SER D 147 30.39 -5.76 0.70
N GLN D 148 31.09 -5.88 -0.41
CA GLN D 148 30.65 -5.28 -1.67
C GLN D 148 30.39 -6.34 -2.74
N SER D 149 30.53 -7.61 -2.36
CA SER D 149 30.34 -8.71 -3.32
C SER D 149 28.89 -8.80 -3.77
N PHE D 150 28.69 -9.24 -5.01
CA PHE D 150 27.35 -9.43 -5.53
C PHE D 150 26.97 -10.90 -5.34
N VAL D 151 25.84 -11.14 -4.68
CA VAL D 151 25.31 -12.49 -4.50
C VAL D 151 24.00 -12.52 -5.26
N GLY D 152 23.85 -13.48 -6.16
CA GLY D 152 22.63 -13.53 -6.96
C GLY D 152 22.95 -13.85 -8.41
N GLU D 153 22.08 -13.42 -9.31
CA GLU D 153 22.19 -13.82 -10.70
C GLU D 153 22.29 -12.62 -11.62
N ILE D 154 23.14 -12.73 -12.65
CA ILE D 154 23.26 -11.68 -13.65
C ILE D 154 23.21 -12.30 -15.05
N GLY D 155 22.46 -11.68 -15.95
CA GLY D 155 22.40 -12.15 -17.32
C GLY D 155 22.20 -11.05 -18.33
N ASP D 156 22.16 -11.42 -19.60
CA ASP D 156 21.82 -10.50 -20.69
C ASP D 156 22.65 -9.22 -20.62
N LEU D 157 23.96 -9.38 -20.47
CA LEU D 157 24.84 -8.22 -20.37
C LEU D 157 25.39 -7.81 -21.72
N TYR D 158 25.23 -6.53 -22.04
CA TYR D 158 25.68 -5.97 -23.31
C TYR D 158 26.29 -4.60 -23.06
N MET D 159 27.36 -4.27 -23.78
CA MET D 159 27.96 -2.95 -23.67
C MET D 159 28.31 -2.41 -25.04
N TRP D 160 27.85 -1.19 -25.30
CA TRP D 160 28.05 -0.49 -26.58
C TRP D 160 28.95 0.74 -26.38
N ASP D 161 29.70 1.09 -27.41
CA ASP D 161 30.52 2.30 -27.37
C ASP D 161 29.78 3.56 -27.87
N SER D 162 28.46 3.56 -27.69
CA SER D 162 27.63 4.71 -28.05
C SER D 162 26.52 4.85 -27.01
N VAL D 163 25.82 5.99 -27.03
CA VAL D 163 24.67 6.20 -26.16
C VAL D 163 23.41 5.72 -26.87
N LEU D 164 22.76 4.69 -26.33
CA LEU D 164 21.53 4.19 -26.95
C LEU D 164 20.36 5.16 -26.78
N PRO D 165 19.59 5.37 -27.85
CA PRO D 165 18.33 6.09 -27.75
C PRO D 165 17.27 5.22 -27.09
N PRO D 166 16.18 5.82 -26.60
CA PRO D 166 15.16 5.07 -25.86
C PRO D 166 14.66 3.81 -26.57
N GLU D 167 14.47 3.85 -27.88
CA GLU D 167 13.95 2.67 -28.57
C GLU D 167 14.88 1.48 -28.43
N ASN D 168 16.19 1.74 -28.43
CA ASN D 168 17.17 0.66 -28.32
C ASN D 168 17.30 0.16 -26.87
N ILE D 169 17.08 1.06 -25.92
CA ILE D 169 17.04 0.65 -24.52
C ILE D 169 15.86 -0.30 -24.31
N LEU D 170 14.69 0.07 -24.85
CA LEU D 170 13.50 -0.77 -24.70
C LEU D 170 13.68 -2.12 -25.40
N SER D 171 14.33 -2.11 -26.57
CA SER D 171 14.64 -3.37 -27.24
C SER D 171 15.47 -4.27 -26.33
N ALA D 172 16.47 -3.71 -25.67
CA ALA D 172 17.27 -4.51 -24.74
C ALA D 172 16.40 -5.04 -23.60
N TYR D 173 15.59 -4.16 -23.03
CA TYR D 173 14.72 -4.55 -21.92
C TYR D 173 13.83 -5.72 -22.34
N GLN D 174 13.36 -5.69 -23.58
CA GLN D 174 12.39 -6.67 -24.07
C GLN D 174 13.05 -7.96 -24.54
N GLY D 175 14.37 -7.97 -24.60
CA GLY D 175 15.08 -9.20 -24.94
C GLY D 175 15.52 -9.29 -26.38
N THR D 176 15.46 -8.18 -27.12
CA THR D 176 15.98 -8.12 -28.48
C THR D 176 16.95 -6.96 -28.66
N PRO D 177 18.07 -6.99 -27.93
CA PRO D 177 19.03 -5.88 -27.99
C PRO D 177 19.70 -5.77 -29.35
N LEU D 178 20.15 -4.57 -29.68
CA LEU D 178 20.98 -4.38 -30.87
C LEU D 178 22.35 -5.03 -30.62
N PRO D 179 23.06 -5.37 -31.71
CA PRO D 179 24.41 -5.93 -31.56
C PRO D 179 25.29 -4.98 -30.75
N ALA D 180 26.08 -5.50 -29.82
CA ALA D 180 26.90 -4.65 -28.96
C ALA D 180 28.39 -4.88 -29.22
N ASN D 181 29.17 -3.81 -29.29
CA ASN D 181 30.54 -3.94 -29.78
C ASN D 181 31.65 -3.96 -28.74
N ILE D 182 31.31 -3.80 -27.47
CA ILE D 182 32.32 -3.90 -26.42
C ILE D 182 32.17 -5.22 -25.65
N LEU D 183 30.95 -5.49 -25.17
CA LEU D 183 30.61 -6.78 -24.56
C LEU D 183 29.29 -7.27 -25.12
N ASP D 184 29.22 -8.56 -25.45
CA ASP D 184 27.97 -9.08 -25.99
C ASP D 184 27.70 -10.47 -25.42
N TRP D 185 26.55 -10.60 -24.76
CA TRP D 185 26.20 -11.82 -24.05
C TRP D 185 26.18 -13.05 -24.97
N GLN D 186 25.95 -12.82 -26.26
CA GLN D 186 25.87 -13.92 -27.23
C GLN D 186 27.23 -14.33 -27.77
N ALA D 187 28.27 -13.59 -27.41
CA ALA D 187 29.63 -13.89 -27.81
C ALA D 187 30.57 -13.34 -26.76
N LEU D 188 30.47 -13.92 -25.55
CA LEU D 188 31.15 -13.40 -24.39
C LEU D 188 32.45 -14.15 -24.12
N ASN D 189 33.53 -13.40 -23.91
CA ASN D 189 34.82 -13.96 -23.54
C ASN D 189 35.01 -13.70 -22.07
N TYR D 190 34.99 -14.76 -21.27
CA TYR D 190 35.02 -14.58 -19.81
C TYR D 190 35.87 -15.63 -19.13
N GLU D 191 36.19 -15.36 -17.87
CA GLU D 191 36.87 -16.33 -17.02
C GLU D 191 36.17 -16.41 -15.68
N ILE D 192 35.73 -17.61 -15.32
CA ILE D 192 35.15 -17.82 -14.01
C ILE D 192 36.27 -18.11 -13.01
N ARG D 193 36.20 -17.44 -11.87
CA ARG D 193 37.11 -17.70 -10.75
C ARG D 193 36.31 -17.97 -9.49
N GLY D 194 36.69 -19.00 -8.75
CA GLY D 194 35.92 -19.39 -7.58
C GLY D 194 34.57 -19.98 -7.94
N TYR D 195 33.60 -19.76 -7.06
CA TYR D 195 32.29 -20.40 -7.14
C TYR D 195 31.31 -19.51 -7.89
N VAL D 196 31.24 -19.73 -9.19
CA VAL D 196 30.24 -19.12 -10.06
C VAL D 196 29.71 -20.22 -10.95
N ILE D 197 28.39 -20.31 -11.05
CA ILE D 197 27.75 -21.39 -11.79
C ILE D 197 26.89 -20.80 -12.90
N ILE D 198 26.99 -21.35 -14.11
CA ILE D 198 26.09 -20.95 -15.18
C ILE D 198 24.80 -21.79 -15.17
N LYS D 199 23.67 -21.11 -15.13
CA LYS D 199 22.36 -21.78 -15.12
C LYS D 199 21.43 -21.13 -16.11
N PRO D 200 20.35 -21.82 -16.49
CA PRO D 200 19.32 -21.16 -17.30
C PRO D 200 18.71 -20.00 -16.53
N LEU D 201 18.31 -18.98 -17.27
CA LEU D 201 17.55 -17.85 -16.74
C LEU D 201 16.09 -18.25 -16.56
N VAL D 202 15.61 -18.33 -15.32
CA VAL D 202 14.24 -18.80 -15.10
C VAL D 202 13.29 -17.71 -14.64
N TRP D 203 13.84 -16.53 -14.38
CA TRP D 203 13.06 -15.46 -13.75
C TRP D 203 12.63 -14.32 -14.67
N VAL D 204 12.95 -14.40 -15.94
CA VAL D 204 12.39 -13.44 -16.88
C VAL D 204 11.03 -13.88 -17.43
N HIS E 1 0.82 -45.67 0.83
CA HIS E 1 -0.07 -46.51 1.64
C HIS E 1 -1.37 -45.79 1.98
N THR E 2 -1.35 -44.46 2.04
CA THR E 2 -2.59 -43.70 2.18
C THR E 2 -2.72 -42.60 1.13
N ASP E 3 -3.87 -42.51 0.49
CA ASP E 3 -4.14 -41.44 -0.45
C ASP E 3 -4.71 -40.23 0.27
N LEU E 4 -3.91 -39.18 0.38
CA LEU E 4 -4.34 -37.97 1.07
C LEU E 4 -4.81 -36.88 0.11
N SER E 5 -5.13 -37.24 -1.13
CA SER E 5 -5.69 -36.27 -2.07
C SER E 5 -6.79 -35.44 -1.43
N GLY E 6 -6.66 -34.11 -1.53
CA GLY E 6 -7.69 -33.22 -1.05
C GLY E 6 -7.75 -33.07 0.46
N LYS E 7 -6.72 -33.57 1.15
CA LYS E 7 -6.67 -33.48 2.60
C LYS E 7 -5.35 -32.85 3.06
N VAL E 8 -5.37 -32.34 4.29
CA VAL E 8 -4.20 -31.77 4.93
C VAL E 8 -3.98 -32.44 6.29
N PHE E 9 -2.73 -32.43 6.78
CA PHE E 9 -2.50 -32.59 8.22
C PHE E 9 -2.72 -31.24 8.89
N VAL E 10 -3.55 -31.23 9.93
CA VAL E 10 -3.72 -30.05 10.77
C VAL E 10 -2.98 -30.28 12.09
N PHE E 11 -2.02 -29.41 12.38
CA PHE E 11 -1.34 -29.38 13.66
C PHE E 11 -2.01 -28.23 14.42
N PRO E 12 -3.00 -28.56 15.27
CA PRO E 12 -3.94 -27.52 15.69
C PRO E 12 -3.51 -26.68 16.88
N ARG E 13 -2.39 -27.04 17.49
CA ARG E 13 -1.91 -26.30 18.65
C ARG E 13 -0.39 -26.41 18.72
N GLU E 14 0.20 -25.51 19.48
CA GLU E 14 1.64 -25.57 19.75
C GLU E 14 1.93 -26.63 20.80
N SER E 15 2.98 -27.41 20.56
CA SER E 15 3.37 -28.48 21.47
C SER E 15 4.81 -28.86 21.19
N VAL E 16 5.39 -29.71 22.03
CA VAL E 16 6.68 -30.29 21.74
C VAL E 16 6.49 -31.75 21.30
N THR E 17 5.22 -32.21 21.28
CA THR E 17 4.88 -33.62 21.09
C THR E 17 4.25 -33.99 19.75
N ASP E 18 3.42 -33.08 19.22
CA ASP E 18 2.60 -33.39 18.06
C ASP E 18 3.44 -33.40 16.79
N HIS E 19 3.43 -34.50 16.05
CA HIS E 19 4.20 -34.59 14.80
C HIS E 19 3.72 -35.72 13.91
N VAL E 20 4.17 -35.69 12.66
CA VAL E 20 3.93 -36.80 11.75
C VAL E 20 5.29 -37.31 11.28
N ASN E 21 5.49 -38.63 11.40
CA ASN E 21 6.66 -39.26 10.80
C ASN E 21 6.34 -39.70 9.40
N LEU E 22 7.21 -39.35 8.45
CA LEU E 22 7.04 -39.78 7.07
C LEU E 22 8.04 -40.88 6.78
N ILE E 23 7.55 -41.99 6.26
CA ILE E 23 8.36 -43.19 6.05
C ILE E 23 8.66 -43.36 4.58
N THR E 24 9.95 -43.46 4.26
CA THR E 24 10.36 -43.74 2.89
C THR E 24 11.50 -44.75 2.96
N PRO E 25 11.51 -45.72 2.02
CA PRO E 25 12.61 -46.69 1.95
C PRO E 25 13.78 -46.12 1.17
N LEU E 26 14.37 -45.05 1.70
CA LEU E 26 15.46 -44.40 1.02
C LEU E 26 16.80 -44.91 1.53
N GLU E 27 17.48 -45.69 0.69
CA GLU E 27 18.73 -46.32 1.06
C GLU E 27 19.93 -45.71 0.36
N LYS E 28 19.70 -45.01 -0.75
CA LYS E 28 20.78 -44.42 -1.53
C LYS E 28 20.92 -42.94 -1.17
N PRO E 29 22.13 -42.51 -0.80
CA PRO E 29 22.30 -41.07 -0.54
C PRO E 29 21.88 -40.24 -1.74
N LEU E 30 21.38 -39.05 -1.48
CA LEU E 30 20.79 -38.19 -2.51
C LEU E 30 21.80 -37.20 -3.07
N GLN E 31 21.92 -37.21 -4.39
CA GLN E 31 22.72 -36.22 -5.08
C GLN E 31 21.83 -35.08 -5.55
N ASN E 32 20.58 -35.40 -5.87
CA ASN E 32 19.61 -34.41 -6.34
C ASN E 32 18.28 -34.64 -5.65
N PHE E 33 17.56 -33.57 -5.34
CA PHE E 33 16.18 -33.77 -4.93
C PHE E 33 15.36 -32.51 -5.16
N THR E 34 14.04 -32.70 -5.19
CA THR E 34 13.10 -31.59 -5.15
C THR E 34 12.02 -31.96 -4.15
N LEU E 35 11.58 -30.99 -3.38
CA LEU E 35 10.53 -31.16 -2.39
C LEU E 35 9.49 -30.06 -2.62
N CYS E 36 8.21 -30.41 -2.77
CA CYS E 36 7.14 -29.42 -2.91
C CYS E 36 6.05 -29.72 -1.88
N PHE E 37 5.39 -28.69 -1.37
CA PHE E 37 4.24 -28.87 -0.49
C PHE E 37 3.51 -27.55 -0.32
N ARG E 38 2.29 -27.60 0.23
CA ARG E 38 1.55 -26.39 0.56
C ARG E 38 1.44 -26.26 2.05
N ALA E 39 1.50 -25.02 2.55
CA ALA E 39 1.35 -24.82 3.98
C ALA E 39 0.53 -23.57 4.28
N TYR E 40 -0.13 -23.59 5.42
CA TYR E 40 -0.92 -22.44 5.84
C TYR E 40 -0.77 -22.33 7.35
N SER E 41 -0.11 -21.26 7.79
CA SER E 41 0.12 -21.04 9.22
C SER E 41 0.01 -19.56 9.51
N ASP E 42 -0.47 -19.20 10.69
CA ASP E 42 -0.41 -17.79 11.10
C ASP E 42 0.60 -17.51 12.22
N LEU E 43 1.59 -18.39 12.33
CA LEU E 43 2.72 -18.14 13.23
C LEU E 43 3.60 -17.03 12.69
N SER E 44 4.08 -16.17 13.59
CA SER E 44 5.09 -15.18 13.25
C SER E 44 6.49 -15.63 13.68
N ARG E 45 6.57 -16.49 14.71
CA ARG E 45 7.87 -16.97 15.14
C ARG E 45 8.43 -17.96 14.13
N ALA E 46 9.70 -18.33 14.31
CA ALA E 46 10.34 -19.31 13.42
C ALA E 46 9.67 -20.68 13.52
N TYR E 47 9.75 -21.43 12.44
CA TYR E 47 9.25 -22.81 12.49
C TYR E 47 9.83 -23.68 11.39
N SER E 48 9.90 -24.97 11.69
CA SER E 48 10.35 -25.98 10.74
C SER E 48 9.19 -26.45 9.87
N LEU E 49 9.43 -26.49 8.56
CA LEU E 49 8.45 -27.03 7.61
C LEU E 49 8.69 -28.51 7.30
N PHE E 50 9.95 -28.91 7.20
CA PHE E 50 10.29 -30.28 6.79
C PHE E 50 11.65 -30.60 7.39
N SER E 51 11.69 -31.58 8.29
CA SER E 51 12.90 -31.93 9.06
C SER E 51 13.37 -33.34 8.74
N TYR E 52 14.58 -33.45 8.20
CA TYR E 52 15.15 -34.73 7.75
C TYR E 52 16.52 -34.88 8.41
N ASN E 53 16.62 -35.82 9.34
CA ASN E 53 17.85 -36.06 10.10
C ASN E 53 18.30 -37.49 9.87
N THR E 54 19.61 -37.75 10.00
CA THR E 54 20.10 -39.13 9.88
C THR E 54 20.91 -39.44 11.13
N GLN E 55 21.34 -40.68 11.28
CA GLN E 55 22.00 -41.04 12.53
C GLN E 55 23.28 -40.23 12.73
N GLY E 56 23.33 -39.49 13.83
CA GLY E 56 24.47 -38.66 14.16
C GLY E 56 24.59 -37.33 13.43
N ARG E 57 23.58 -37.01 12.62
CA ARG E 57 23.62 -35.81 11.79
C ARG E 57 22.34 -35.00 11.90
N ASP E 58 22.46 -33.81 12.49
CA ASP E 58 21.34 -32.90 12.64
C ASP E 58 21.24 -32.01 11.40
N ASN E 59 20.02 -31.61 11.07
CA ASN E 59 19.79 -30.74 9.93
C ASN E 59 20.44 -31.24 8.66
N GLU E 60 20.30 -32.53 8.41
CA GLU E 60 20.84 -33.14 7.20
C GLU E 60 20.13 -32.59 5.97
N LEU E 61 18.81 -32.41 6.09
CA LEU E 61 18.04 -31.73 5.06
C LEU E 61 16.87 -31.08 5.80
N LEU E 62 16.87 -29.75 5.86
CA LEU E 62 15.87 -29.03 6.63
C LEU E 62 15.36 -27.81 5.87
N VAL E 63 14.03 -27.67 5.82
CA VAL E 63 13.40 -26.50 5.24
C VAL E 63 12.77 -25.74 6.40
N TYR E 64 13.22 -24.51 6.60
CA TYR E 64 12.94 -23.80 7.84
C TYR E 64 12.54 -22.38 7.49
N LYS E 65 11.58 -21.83 8.22
CA LYS E 65 11.11 -20.47 7.99
C LYS E 65 11.49 -19.63 9.19
N GLU E 66 12.52 -18.80 9.09
N GLU E 66 12.53 -18.80 9.08
CA GLU E 66 12.95 -18.01 10.24
CA GLU E 66 12.98 -18.01 10.22
C GLU E 66 12.00 -16.87 10.57
C GLU E 66 12.02 -16.86 10.57
N ARG E 67 11.38 -16.30 9.54
CA ARG E 67 10.45 -15.19 9.71
C ARG E 67 9.73 -14.95 8.41
N VAL E 68 8.69 -14.12 8.44
CA VAL E 68 7.94 -13.84 7.24
C VAL E 68 8.88 -13.40 6.12
N GLY E 69 8.65 -13.94 4.94
CA GLY E 69 9.40 -13.55 3.75
C GLY E 69 10.76 -14.19 3.59
N GLU E 70 11.13 -15.14 4.44
CA GLU E 70 12.47 -15.73 4.37
C GLU E 70 12.42 -17.25 4.51
N TYR E 71 12.95 -17.95 3.51
CA TYR E 71 12.97 -19.41 3.50
C TYR E 71 14.40 -19.91 3.52
N SER E 72 14.69 -20.86 4.42
CA SER E 72 16.03 -21.45 4.49
C SER E 72 16.04 -22.93 4.14
N LEU E 73 17.09 -23.36 3.44
CA LEU E 73 17.36 -24.78 3.23
C LEU E 73 18.69 -25.12 3.90
N TYR E 74 18.69 -26.17 4.72
CA TYR E 74 19.92 -26.76 5.25
C TYR E 74 20.26 -28.05 4.52
N ILE E 75 21.54 -28.21 4.19
CA ILE E 75 22.06 -29.47 3.65
C ILE E 75 23.28 -29.82 4.49
N GLY E 76 23.25 -30.94 5.21
CA GLY E 76 24.39 -31.29 6.05
C GLY E 76 24.79 -30.19 7.01
N ARG E 77 23.81 -29.55 7.65
N ARG E 77 23.80 -29.54 7.63
CA ARG E 77 24.07 -28.48 8.64
CA ARG E 77 24.03 -28.47 8.61
C ARG E 77 24.35 -27.10 8.06
C ARG E 77 24.24 -27.09 8.02
N HIS E 78 24.79 -27.03 6.81
CA HIS E 78 25.09 -25.75 6.17
C HIS E 78 23.76 -25.15 5.70
N LYS E 79 23.64 -23.84 5.66
CA LYS E 79 22.34 -23.28 5.26
C LYS E 79 22.46 -22.15 4.25
N VAL E 80 21.39 -21.98 3.49
CA VAL E 80 21.21 -20.83 2.62
C VAL E 80 19.81 -20.29 2.87
N THR E 81 19.61 -19.01 2.58
CA THR E 81 18.31 -18.37 2.80
C THR E 81 18.02 -17.46 1.63
N SER E 82 16.79 -17.47 1.16
CA SER E 82 16.39 -16.52 0.14
C SER E 82 15.08 -15.85 0.53
N LYS E 83 14.88 -14.65 0.00
CA LYS E 83 13.77 -13.79 0.41
C LYS E 83 12.70 -13.67 -0.65
N VAL E 84 11.49 -13.34 -0.20
CA VAL E 84 10.38 -13.17 -1.13
C VAL E 84 9.37 -12.21 -0.55
N ILE E 85 8.67 -11.51 -1.43
CA ILE E 85 7.50 -10.72 -1.04
C ILE E 85 6.30 -11.64 -0.85
N GLU E 86 5.74 -11.65 0.35
N GLU E 86 5.75 -11.64 0.36
CA GLU E 86 4.56 -12.46 0.63
CA GLU E 86 4.56 -12.42 0.66
C GLU E 86 3.66 -11.78 1.66
C GLU E 86 3.62 -11.63 1.55
N LYS E 87 2.35 -12.00 1.51
CA LYS E 87 1.36 -11.48 2.44
C LYS E 87 1.34 -12.36 3.69
N PHE E 88 0.84 -11.82 4.79
CA PHE E 88 0.76 -12.59 6.04
C PHE E 88 -0.50 -12.26 6.80
N PRO E 89 -1.23 -13.28 7.26
CA PRO E 89 -1.00 -14.70 6.95
C PRO E 89 -1.51 -15.02 5.56
N ALA E 90 -0.98 -16.08 4.95
CA ALA E 90 -1.43 -16.48 3.64
C ALA E 90 -1.02 -17.92 3.37
N PRO E 91 -1.88 -18.69 2.71
CA PRO E 91 -1.44 -20.00 2.23
C PRO E 91 -0.26 -19.86 1.29
N VAL E 92 0.61 -20.86 1.26
CA VAL E 92 1.76 -20.78 0.36
C VAL E 92 2.02 -22.15 -0.29
N HIS E 93 2.52 -22.12 -1.52
CA HIS E 93 3.05 -23.31 -2.14
C HIS E 93 4.56 -23.15 -2.22
N ILE E 94 5.28 -24.15 -1.73
CA ILE E 94 6.74 -24.08 -1.66
C ILE E 94 7.35 -25.25 -2.41
N CYS E 95 8.29 -24.95 -3.30
CA CYS E 95 9.14 -25.99 -3.87
C CYS E 95 10.58 -25.62 -3.57
N VAL E 96 11.40 -26.62 -3.26
CA VAL E 96 12.82 -26.37 -3.15
C VAL E 96 13.56 -27.55 -3.76
N SER E 97 14.57 -27.24 -4.57
CA SER E 97 15.40 -28.31 -5.12
C SER E 97 16.85 -28.05 -4.79
N TRP E 98 17.65 -29.12 -4.81
CA TRP E 98 19.09 -28.97 -4.61
C TRP E 98 19.84 -29.97 -5.48
N GLU E 99 20.97 -29.54 -6.01
CA GLU E 99 21.75 -30.30 -6.98
C GLU E 99 23.19 -30.36 -6.49
N SER E 100 23.66 -31.54 -6.10
CA SER E 100 25.04 -31.68 -5.58
C SER E 100 26.11 -31.16 -6.54
N SER E 101 25.95 -31.45 -7.83
CA SER E 101 27.03 -31.15 -8.78
C SER E 101 27.41 -29.66 -8.80
N SER E 102 26.41 -28.80 -8.60
CA SER E 102 26.62 -27.36 -8.62
C SER E 102 26.47 -26.75 -7.23
N GLY E 103 25.86 -27.49 -6.32
CA GLY E 103 25.48 -26.97 -5.02
C GLY E 103 24.26 -26.04 -5.04
N ILE E 104 23.65 -25.85 -6.20
CA ILE E 104 22.58 -24.85 -6.33
C ILE E 104 21.28 -25.28 -5.66
N ALA E 105 20.73 -24.40 -4.83
CA ALA E 105 19.41 -24.58 -4.23
C ALA E 105 18.43 -23.60 -4.88
N GLU E 106 17.28 -24.10 -5.35
CA GLU E 106 16.25 -23.26 -5.95
C GLU E 106 14.99 -23.30 -5.12
N PHE E 107 14.61 -22.17 -4.51
CA PHE E 107 13.28 -22.04 -3.90
C PHE E 107 12.31 -21.45 -4.92
N TRP E 108 11.10 -21.99 -4.95
CA TRP E 108 10.01 -21.43 -5.74
C TRP E 108 8.83 -21.25 -4.80
N ILE E 109 8.30 -20.03 -4.74
CA ILE E 109 7.23 -19.71 -3.81
C ILE E 109 6.02 -19.28 -4.64
N ASN E 110 4.92 -20.02 -4.52
CA ASN E 110 3.74 -19.76 -5.37
C ASN E 110 4.13 -19.65 -6.84
N GLY E 111 5.01 -20.54 -7.26
CA GLY E 111 5.39 -20.65 -8.65
C GLY E 111 6.35 -19.56 -9.12
N THR E 112 6.86 -18.75 -8.21
CA THR E 112 7.82 -17.69 -8.52
C THR E 112 9.21 -18.08 -7.99
N PRO E 113 10.24 -18.01 -8.86
CA PRO E 113 11.58 -18.42 -8.43
C PRO E 113 12.24 -17.38 -7.54
N LEU E 114 12.80 -17.81 -6.41
CA LEU E 114 13.61 -16.91 -5.59
C LEU E 114 15.02 -16.87 -6.17
N VAL E 115 15.85 -15.98 -5.63
CA VAL E 115 17.25 -15.96 -6.05
C VAL E 115 17.94 -17.28 -5.70
N LYS E 116 18.63 -17.87 -6.67
CA LYS E 116 19.39 -19.09 -6.40
C LYS E 116 20.51 -18.84 -5.38
N LYS E 117 20.74 -19.83 -4.52
CA LYS E 117 21.92 -19.81 -3.64
C LYS E 117 22.62 -21.14 -3.78
N GLY E 118 23.78 -21.30 -3.17
CA GLY E 118 24.54 -22.51 -3.36
C GLY E 118 25.23 -22.95 -2.08
N LEU E 119 25.24 -24.26 -1.87
CA LEU E 119 25.88 -24.84 -0.71
C LEU E 119 26.21 -26.31 -0.94
N ARG E 120 27.23 -26.81 -0.24
CA ARG E 120 27.51 -28.24 -0.22
C ARG E 120 27.73 -28.85 -1.62
N GLN E 121 28.36 -28.09 -2.50
CA GLN E 121 28.69 -28.64 -3.81
C GLN E 121 29.49 -29.93 -3.63
N GLY E 122 29.03 -31.00 -4.26
CA GLY E 122 29.77 -32.27 -4.26
C GLY E 122 29.36 -33.23 -3.15
N TYR E 123 28.59 -32.72 -2.20
CA TYR E 123 28.10 -33.49 -1.07
C TYR E 123 26.97 -34.44 -1.45
N PHE E 124 26.78 -35.51 -0.67
CA PHE E 124 25.60 -36.37 -0.83
C PHE E 124 24.79 -36.35 0.46
N VAL E 125 23.50 -36.07 0.33
CA VAL E 125 22.63 -36.12 1.51
C VAL E 125 22.53 -37.56 1.98
N GLU E 126 22.77 -37.77 3.27
CA GLU E 126 22.81 -39.13 3.82
C GLU E 126 21.42 -39.77 3.75
N ALA E 127 21.40 -41.09 3.58
CA ALA E 127 20.15 -41.86 3.51
C ALA E 127 19.75 -42.40 4.89
N GLN E 128 18.76 -43.31 4.90
CA GLN E 128 18.17 -43.82 6.13
C GLN E 128 17.70 -42.69 7.06
N PRO E 129 16.89 -41.77 6.54
CA PRO E 129 16.50 -40.63 7.36
C PRO E 129 15.32 -40.93 8.27
N LYS E 130 15.17 -40.10 9.29
CA LYS E 130 13.88 -39.90 9.93
C LYS E 130 13.37 -38.55 9.42
N ILE E 131 12.13 -38.54 8.94
CA ILE E 131 11.54 -37.35 8.34
C ILE E 131 10.31 -36.94 9.14
N VAL E 132 10.28 -35.70 9.59
CA VAL E 132 9.23 -35.27 10.53
C VAL E 132 8.58 -33.99 10.05
N LEU E 133 7.25 -33.97 10.09
CA LEU E 133 6.46 -32.76 9.92
C LEU E 133 5.92 -32.35 11.29
N GLY E 134 5.89 -31.05 11.56
CA GLY E 134 5.26 -30.52 12.76
C GLY E 134 6.25 -30.17 13.84
N GLN E 135 7.43 -30.78 13.78
CA GLN E 135 8.49 -30.47 14.72
C GLN E 135 9.84 -30.46 14.02
N GLU E 136 10.80 -29.78 14.64
CA GLU E 136 12.16 -29.77 14.15
C GLU E 136 12.96 -30.77 15.00
N GLN E 137 13.61 -31.73 14.36
CA GLN E 137 14.43 -32.72 15.08
C GLN E 137 15.79 -32.18 15.44
N ASP E 138 16.27 -32.48 16.65
CA ASP E 138 17.68 -32.28 16.98
C ASP E 138 18.41 -33.60 17.24
N SER E 139 17.66 -34.70 17.22
CA SER E 139 18.23 -36.03 17.27
C SER E 139 17.67 -36.88 16.14
N TYR E 140 18.02 -38.16 16.12
CA TYR E 140 17.50 -39.03 15.09
C TYR E 140 16.09 -39.43 15.46
N GLY E 141 15.13 -38.61 15.05
CA GLY E 141 13.73 -38.88 15.31
C GLY E 141 13.11 -38.10 16.46
N GLY E 142 13.90 -37.29 17.15
CA GLY E 142 13.38 -36.59 18.32
C GLY E 142 14.11 -35.32 18.70
N LYS E 143 14.14 -35.06 20.00
CA LYS E 143 14.66 -33.83 20.58
C LYS E 143 14.04 -32.60 19.93
N PHE E 144 12.71 -32.52 20.04
CA PHE E 144 11.93 -31.44 19.48
C PHE E 144 11.99 -30.17 20.33
N ASP E 145 11.47 -29.07 19.78
CA ASP E 145 11.53 -27.75 20.41
C ASP E 145 10.23 -27.02 20.07
N ARG E 146 9.38 -26.79 21.05
CA ARG E 146 8.07 -26.21 20.70
C ARG E 146 8.17 -24.83 20.08
N SER E 147 9.29 -24.13 20.31
N SER E 147 9.29 -24.13 20.31
CA SER E 147 9.48 -22.81 19.72
CA SER E 147 9.50 -22.81 19.70
C SER E 147 9.81 -22.91 18.22
C SER E 147 9.76 -22.91 18.20
N GLN E 148 9.94 -24.14 17.73
CA GLN E 148 10.20 -24.39 16.31
C GLN E 148 9.10 -25.24 15.69
N SER E 149 8.06 -25.53 16.47
CA SER E 149 6.99 -26.41 16.01
C SER E 149 6.15 -25.70 14.96
N PHE E 150 5.56 -26.49 14.08
CA PHE E 150 4.69 -25.94 13.05
C PHE E 150 3.25 -26.10 13.49
N VAL E 151 2.55 -24.96 13.60
CA VAL E 151 1.13 -24.94 13.95
C VAL E 151 0.42 -24.47 12.70
N GLY E 152 -0.53 -25.26 12.22
CA GLY E 152 -1.20 -24.93 10.98
C GLY E 152 -1.42 -26.15 10.13
N GLU E 153 -1.49 -25.96 8.83
CA GLU E 153 -1.91 -27.03 7.93
C GLU E 153 -0.87 -27.28 6.83
N ILE E 154 -0.64 -28.55 6.51
CA ILE E 154 0.27 -28.91 5.42
C ILE E 154 -0.38 -29.93 4.49
N GLY E 155 -0.27 -29.73 3.19
CA GLY E 155 -0.83 -30.68 2.26
C GLY E 155 -0.02 -30.77 0.98
N ASP E 156 -0.45 -31.65 0.08
CA ASP E 156 0.15 -31.80 -1.24
C ASP E 156 1.68 -31.88 -1.24
N LEU E 157 2.21 -32.77 -0.39
CA LEU E 157 3.64 -32.94 -0.27
C LEU E 157 4.20 -34.03 -1.17
N TYR E 158 5.27 -33.70 -1.88
CA TYR E 158 5.94 -34.60 -2.82
C TYR E 158 7.43 -34.41 -2.71
N MET E 159 8.18 -35.50 -2.83
CA MET E 159 9.63 -35.41 -2.89
C MET E 159 10.15 -36.33 -3.99
N TRP E 160 10.96 -35.77 -4.88
CA TRP E 160 11.53 -36.47 -6.02
C TRP E 160 13.05 -36.56 -5.89
N ASP E 161 13.64 -37.61 -6.43
CA ASP E 161 15.10 -37.74 -6.42
C ASP E 161 15.77 -37.09 -7.64
N SER E 162 15.16 -36.02 -8.16
CA SER E 162 15.74 -35.24 -9.24
C SER E 162 15.43 -33.77 -9.04
N VAL E 163 16.09 -32.91 -9.82
CA VAL E 163 15.82 -31.47 -9.78
C VAL E 163 14.77 -31.18 -10.83
N LEU E 164 13.58 -30.79 -10.40
CA LEU E 164 12.50 -30.47 -11.32
C LEU E 164 12.77 -29.19 -12.11
N PRO E 165 12.55 -29.24 -13.42
CA PRO E 165 12.60 -28.01 -14.23
C PRO E 165 11.38 -27.13 -13.96
N PRO E 166 11.41 -25.86 -14.37
CA PRO E 166 10.32 -24.93 -14.05
C PRO E 166 8.92 -25.43 -14.42
N GLU E 167 8.78 -26.08 -15.57
N GLU E 167 8.80 -26.08 -15.57
CA GLU E 167 7.45 -26.54 -15.97
CA GLU E 167 7.51 -26.57 -16.02
C GLU E 167 6.86 -27.50 -14.93
C GLU E 167 6.88 -27.55 -15.03
N ASN E 168 7.70 -28.37 -14.38
CA ASN E 168 7.22 -29.35 -13.41
C ASN E 168 6.92 -28.69 -12.07
N ILE E 169 7.67 -27.65 -11.73
CA ILE E 169 7.39 -26.88 -10.52
C ILE E 169 6.01 -26.22 -10.66
N LEU E 170 5.79 -25.56 -11.80
CA LEU E 170 4.51 -24.89 -12.02
C LEU E 170 3.36 -25.90 -12.03
N SER E 171 3.61 -27.08 -12.59
CA SER E 171 2.58 -28.13 -12.58
C SER E 171 2.20 -28.53 -11.16
N ALA E 172 3.19 -28.66 -10.27
CA ALA E 172 2.91 -28.96 -8.88
C ALA E 172 2.08 -27.85 -8.25
N TYR E 173 2.47 -26.60 -8.51
CA TYR E 173 1.81 -25.44 -7.93
C TYR E 173 0.35 -25.38 -8.36
N GLN E 174 0.12 -25.63 -9.65
CA GLN E 174 -1.24 -25.59 -10.21
C GLN E 174 -2.06 -26.83 -9.89
N GLY E 175 -1.49 -27.79 -9.17
CA GLY E 175 -2.21 -28.99 -8.79
C GLY E 175 -2.13 -30.20 -9.72
N THR E 176 -1.16 -30.18 -10.63
CA THR E 176 -0.85 -31.35 -11.50
C THR E 176 0.58 -31.88 -11.33
N PRO E 177 0.95 -32.25 -10.10
CA PRO E 177 2.35 -32.65 -9.85
C PRO E 177 2.72 -33.96 -10.54
N LEU E 178 3.96 -34.07 -10.99
CA LEU E 178 4.47 -35.35 -11.45
C LEU E 178 4.48 -36.32 -10.29
N PRO E 179 4.09 -37.59 -10.52
CA PRO E 179 4.26 -38.60 -9.47
C PRO E 179 5.68 -38.57 -8.94
N ALA E 180 5.81 -38.76 -7.63
CA ALA E 180 7.08 -38.56 -6.95
C ALA E 180 7.58 -39.85 -6.32
N ASN E 181 8.89 -40.07 -6.37
CA ASN E 181 9.42 -41.37 -5.99
C ASN E 181 10.02 -41.49 -4.59
N ILE E 182 10.12 -40.39 -3.86
CA ILE E 182 10.59 -40.48 -2.49
C ILE E 182 9.43 -40.36 -1.50
N LEU E 183 8.64 -39.29 -1.67
CA LEU E 183 7.40 -39.08 -0.92
C LEU E 183 6.31 -38.63 -1.89
N ASP E 184 5.13 -39.19 -1.75
CA ASP E 184 4.04 -38.84 -2.66
C ASP E 184 2.71 -38.82 -1.92
N TRP E 185 2.01 -37.68 -2.01
CA TRP E 185 0.77 -37.43 -1.26
C TRP E 185 -0.33 -38.44 -1.54
N GLN E 186 -0.30 -39.02 -2.74
CA GLN E 186 -1.31 -40.02 -3.13
C GLN E 186 -1.02 -41.42 -2.59
N ALA E 187 0.16 -41.60 -2.01
CA ALA E 187 0.54 -42.90 -1.44
C ALA E 187 1.56 -42.68 -0.35
N LEU E 188 1.11 -42.03 0.71
CA LEU E 188 1.98 -41.61 1.77
C LEU E 188 1.95 -42.59 2.93
N ASN E 189 3.13 -43.01 3.35
CA ASN E 189 3.27 -43.89 4.51
C ASN E 189 3.66 -43.02 5.69
N TYR E 190 2.73 -42.84 6.63
CA TYR E 190 2.97 -41.89 7.72
C TYR E 190 2.52 -42.44 9.05
N GLU E 191 3.00 -41.81 10.12
CA GLU E 191 2.57 -42.13 11.47
C GLU E 191 2.25 -40.84 12.18
N ILE E 192 1.00 -40.68 12.61
CA ILE E 192 0.62 -39.55 13.45
C ILE E 192 1.00 -39.83 14.90
N ARG E 193 1.64 -38.85 15.53
CA ARG E 193 1.95 -38.91 16.96
C ARG E 193 1.39 -37.66 17.64
N GLY E 194 0.64 -37.86 18.72
CA GLY E 194 0.04 -36.74 19.41
C GLY E 194 -1.17 -36.18 18.66
N TYR E 195 -1.38 -34.87 18.81
CA TYR E 195 -2.58 -34.20 18.29
C TYR E 195 -2.37 -33.69 16.87
N VAL E 196 -2.62 -34.56 15.90
CA VAL E 196 -2.61 -34.16 14.49
C VAL E 196 -3.90 -34.70 13.88
N ILE E 197 -4.61 -33.85 13.17
CA ILE E 197 -5.91 -34.23 12.63
C ILE E 197 -5.89 -34.11 11.11
N ILE E 198 -6.39 -35.12 10.43
CA ILE E 198 -6.51 -35.02 8.98
C ILE E 198 -7.87 -34.40 8.62
N LYS E 199 -7.85 -33.35 7.80
CA LYS E 199 -9.06 -32.64 7.40
C LYS E 199 -9.02 -32.33 5.91
N PRO E 200 -10.17 -32.06 5.32
CA PRO E 200 -10.17 -31.62 3.92
C PRO E 200 -9.39 -30.33 3.75
N LEU E 201 -8.75 -30.19 2.60
CA LEU E 201 -8.08 -28.94 2.23
C LEU E 201 -9.13 -27.96 1.72
N VAL E 202 -9.32 -26.85 2.43
CA VAL E 202 -10.38 -25.91 2.05
C VAL E 202 -9.85 -24.57 1.54
N TRP E 203 -8.54 -24.39 1.59
CA TRP E 203 -7.93 -23.11 1.24
C TRP E 203 -7.19 -23.04 -0.09
N VAL E 204 -6.93 -24.18 -0.73
CA VAL E 204 -6.21 -24.14 -2.00
C VAL E 204 -6.22 -25.49 -2.73
#